data_1VI6
#
_entry.id   1VI6
#
_cell.length_a   123.829
_cell.length_b   123.829
_cell.length_c   131.949
_cell.angle_alpha   90.00
_cell.angle_beta   90.00
_cell.angle_gamma   90.00
#
_symmetry.space_group_name_H-M   'P 43 21 2'
#
loop_
_entity.id
_entity.type
_entity.pdbx_description
1 polymer '30S ribosomal protein S2P'
2 non-polymer 'SODIUM ION'
3 water water
#
_entity_poly.entity_id   1
_entity_poly.type   'polypeptide(L)'
_entity_poly.pdbx_seq_one_letter_code
;MSLEKEYEYLVPPDDYLAAGVHIGTQIKTGDMKKFIFKVRQDGLYVLDIRKLDERIRVAAKFLSRYEPSKILLVAARQYA
HKPVQMFSKVVGSDYIVGRFIPGTLTNPMLSEYREPEVVFVNDPAIDKQAVSEATAVGIPVVALCDSNNSSADVDLVIPT
NNKGRRALAIVYWLLAREIAKIRGQDFTYSIEDFEAELEGGSHHHHHH
;
_entity_poly.pdbx_strand_id   A,B,C,D
#
loop_
_chem_comp.id
_chem_comp.type
_chem_comp.name
_chem_comp.formula
NA non-polymer 'SODIUM ION' 'Na 1'
#
# COMPACT_ATOMS: atom_id res chain seq x y z
N GLU A 6 22.90 -11.74 -34.45
CA GLU A 6 21.91 -12.27 -33.48
C GLU A 6 21.89 -11.44 -32.20
N TYR A 7 20.69 -11.05 -31.76
CA TYR A 7 20.55 -10.25 -30.55
C TYR A 7 20.58 -11.16 -29.33
N GLU A 8 21.26 -10.71 -28.27
CA GLU A 8 21.35 -11.49 -27.04
C GLU A 8 20.41 -10.94 -25.97
N TYR A 9 19.37 -11.71 -25.67
CA TYR A 9 18.37 -11.34 -24.68
C TYR A 9 18.87 -11.66 -23.26
N LEU A 10 18.26 -11.02 -22.27
CA LEU A 10 18.61 -11.23 -20.87
C LEU A 10 18.19 -12.62 -20.41
N VAL A 11 17.21 -13.17 -21.11
CA VAL A 11 16.70 -14.50 -20.82
C VAL A 11 16.29 -15.10 -22.16
N PRO A 12 16.13 -16.42 -22.23
CA PRO A 12 15.72 -17.00 -23.51
C PRO A 12 14.44 -16.28 -23.96
N PRO A 13 14.36 -15.85 -25.23
CA PRO A 13 13.20 -15.15 -25.78
C PRO A 13 11.86 -15.79 -25.45
N ASP A 14 11.82 -17.12 -25.44
CA ASP A 14 10.59 -17.84 -25.14
C ASP A 14 10.10 -17.54 -23.73
N ASP A 15 11.03 -17.22 -22.82
CA ASP A 15 10.68 -16.91 -21.44
C ASP A 15 9.87 -15.62 -21.40
N TYR A 16 10.26 -14.66 -22.23
CA TYR A 16 9.55 -13.39 -22.32
C TYR A 16 8.14 -13.64 -22.84
N LEU A 17 8.06 -14.42 -23.91
CA LEU A 17 6.77 -14.74 -24.52
C LEU A 17 5.89 -15.55 -23.59
N ALA A 18 6.49 -16.53 -22.90
CA ALA A 18 5.72 -17.36 -21.98
C ALA A 18 5.11 -16.47 -20.89
N ALA A 19 5.83 -15.41 -20.52
CA ALA A 19 5.39 -14.48 -19.48
C ALA A 19 4.33 -13.52 -20.00
N GLY A 20 4.20 -13.43 -21.33
CA GLY A 20 3.22 -12.55 -21.93
C GLY A 20 3.55 -11.07 -21.91
N VAL A 21 4.84 -10.72 -21.85
CA VAL A 21 5.24 -9.31 -21.82
C VAL A 21 4.92 -8.62 -23.15
N HIS A 22 4.81 -9.41 -24.21
CA HIS A 22 4.55 -8.88 -25.54
C HIS A 22 3.06 -8.63 -25.79
N ILE A 23 2.20 -9.11 -24.90
CA ILE A 23 0.77 -8.93 -25.07
C ILE A 23 0.27 -7.55 -24.64
N GLY A 24 -0.07 -6.72 -25.63
CA GLY A 24 -0.57 -5.39 -25.36
C GLY A 24 -2.08 -5.39 -25.20
N THR A 25 -2.73 -4.28 -25.54
CA THR A 25 -4.18 -4.19 -25.43
C THR A 25 -4.78 -3.94 -26.80
N GLN A 26 -6.08 -3.64 -26.84
CA GLN A 26 -6.79 -3.37 -28.09
C GLN A 26 -6.55 -1.93 -28.53
N ILE A 27 -5.88 -1.16 -27.66
CA ILE A 27 -5.60 0.25 -27.95
C ILE A 27 -4.12 0.52 -28.21
N LYS A 28 -3.86 1.41 -29.16
CA LYS A 28 -2.51 1.81 -29.52
C LYS A 28 -2.43 3.33 -29.50
N THR A 29 -1.38 3.87 -28.89
CA THR A 29 -1.21 5.32 -28.83
C THR A 29 -0.08 5.70 -29.77
N GLY A 30 -0.03 6.98 -30.15
CA GLY A 30 1.03 7.42 -31.04
C GLY A 30 2.37 7.22 -30.37
N ASP A 31 2.42 7.46 -29.07
CA ASP A 31 3.65 7.33 -28.31
C ASP A 31 4.22 5.90 -28.31
N MET A 32 3.33 4.91 -28.32
CA MET A 32 3.78 3.52 -28.29
C MET A 32 3.98 2.84 -29.64
N LYS A 33 3.56 3.49 -30.72
CA LYS A 33 3.71 2.91 -32.06
C LYS A 33 5.11 2.37 -32.36
N LYS A 34 6.14 3.12 -31.97
CA LYS A 34 7.50 2.68 -32.24
C LYS A 34 7.91 1.40 -31.51
N PHE A 35 7.09 0.95 -30.56
CA PHE A 35 7.38 -0.28 -29.82
C PHE A 35 6.45 -1.42 -30.21
N ILE A 36 5.47 -1.15 -31.05
CA ILE A 36 4.54 -2.18 -31.47
C ILE A 36 5.08 -2.95 -32.66
N PHE A 37 5.20 -4.26 -32.47
CA PHE A 37 5.72 -5.14 -33.50
C PHE A 37 4.66 -5.37 -34.57
N LYS A 38 3.43 -5.61 -34.15
CA LYS A 38 2.33 -5.84 -35.08
C LYS A 38 1.01 -5.82 -34.33
N VAL A 39 -0.07 -5.97 -35.08
CA VAL A 39 -1.40 -6.04 -34.49
C VAL A 39 -1.93 -7.42 -34.85
N ARG A 40 -2.48 -8.11 -33.86
CA ARG A 40 -3.03 -9.44 -34.08
C ARG A 40 -4.40 -9.33 -34.73
N GLN A 41 -4.86 -10.42 -35.33
CA GLN A 41 -6.15 -10.45 -35.98
C GLN A 41 -7.27 -10.19 -34.99
N ASP A 42 -7.05 -10.59 -33.74
CA ASP A 42 -8.04 -10.39 -32.69
C ASP A 42 -8.00 -8.96 -32.16
N GLY A 43 -7.30 -8.09 -32.88
CA GLY A 43 -7.23 -6.68 -32.48
C GLY A 43 -6.20 -6.31 -31.42
N LEU A 44 -5.58 -7.31 -30.79
CA LEU A 44 -4.59 -7.03 -29.76
C LEU A 44 -3.24 -6.63 -30.36
N TYR A 45 -2.67 -5.56 -29.83
CA TYR A 45 -1.37 -5.10 -30.30
C TYR A 45 -0.27 -5.89 -29.62
N VAL A 46 0.79 -6.19 -30.38
CA VAL A 46 1.91 -6.97 -29.86
C VAL A 46 3.15 -6.09 -29.72
N LEU A 47 3.78 -6.14 -28.56
CA LEU A 47 4.98 -5.35 -28.31
C LEU A 47 6.24 -6.05 -28.78
N ASP A 48 7.27 -5.25 -29.06
CA ASP A 48 8.57 -5.73 -29.53
C ASP A 48 9.46 -6.14 -28.36
N ILE A 49 9.74 -7.44 -28.23
CA ILE A 49 10.55 -7.93 -27.11
C ILE A 49 12.01 -7.55 -27.17
N ARG A 50 12.48 -7.23 -28.37
CA ARG A 50 13.85 -6.80 -28.59
C ARG A 50 13.98 -5.45 -27.89
N LYS A 51 13.00 -4.58 -28.13
CA LYS A 51 12.97 -3.25 -27.55
C LYS A 51 12.83 -3.32 -26.03
N LEU A 52 11.97 -4.21 -25.55
CA LEU A 52 11.77 -4.36 -24.11
C LEU A 52 13.09 -4.74 -23.46
N ASP A 53 13.77 -5.73 -24.04
CA ASP A 53 15.04 -6.19 -23.49
C ASP A 53 16.07 -5.04 -23.44
N GLU A 54 16.17 -4.29 -24.53
CA GLU A 54 17.10 -3.18 -24.58
C GLU A 54 16.78 -2.15 -23.49
N ARG A 55 15.49 -1.88 -23.31
CA ARG A 55 15.04 -0.91 -22.31
C ARG A 55 15.22 -1.37 -20.87
N ILE A 56 15.12 -2.68 -20.62
CA ILE A 56 15.32 -3.18 -19.26
C ILE A 56 16.79 -2.99 -18.91
N ARG A 57 17.68 -3.26 -19.86
CA ARG A 57 19.11 -3.10 -19.64
C ARG A 57 19.43 -1.63 -19.37
N VAL A 58 18.88 -0.74 -20.19
CA VAL A 58 19.11 0.69 -20.03
C VAL A 58 18.55 1.19 -18.69
N ALA A 59 17.35 0.76 -18.34
CA ALA A 59 16.74 1.20 -17.08
C ALA A 59 17.54 0.74 -15.87
N ALA A 60 18.08 -0.48 -15.94
CA ALA A 60 18.89 -1.01 -14.84
C ALA A 60 20.12 -0.13 -14.63
N LYS A 61 20.74 0.29 -15.73
CA LYS A 61 21.93 1.16 -15.66
C LYS A 61 21.51 2.55 -15.18
N PHE A 62 20.37 3.02 -15.68
CA PHE A 62 19.84 4.33 -15.31
C PHE A 62 19.65 4.39 -13.80
N LEU A 63 18.92 3.41 -13.27
CA LEU A 63 18.63 3.34 -11.84
C LEU A 63 19.84 3.07 -10.95
N SER A 64 20.87 2.41 -11.50
CA SER A 64 22.04 2.12 -10.69
C SER A 64 22.87 3.39 -10.47
N ARG A 65 22.45 4.49 -11.08
CA ARG A 65 23.14 5.77 -10.95
C ARG A 65 22.61 6.55 -9.74
N TYR A 66 21.71 5.92 -8.97
CA TYR A 66 21.13 6.55 -7.79
C TYR A 66 21.33 5.71 -6.55
N GLU A 67 21.43 6.34 -5.39
CA GLU A 67 21.57 5.57 -4.17
C GLU A 67 20.18 4.97 -3.95
N PRO A 68 20.12 3.66 -3.68
CA PRO A 68 18.89 2.91 -3.45
C PRO A 68 17.75 3.62 -2.73
N SER A 69 18.04 4.13 -1.53
CA SER A 69 17.02 4.82 -0.74
C SER A 69 16.40 6.02 -1.43
N LYS A 70 17.03 6.51 -2.49
CA LYS A 70 16.51 7.68 -3.21
C LYS A 70 15.63 7.29 -4.40
N ILE A 71 15.39 5.99 -4.53
CA ILE A 71 14.56 5.46 -5.61
C ILE A 71 13.18 5.15 -5.00
N LEU A 72 12.12 5.66 -5.60
CA LEU A 72 10.77 5.39 -5.10
C LEU A 72 9.94 4.69 -6.17
N LEU A 73 9.49 3.47 -5.86
CA LEU A 73 8.63 2.73 -6.79
C LEU A 73 7.20 2.99 -6.38
N VAL A 74 6.32 3.10 -7.37
CA VAL A 74 4.91 3.35 -7.11
C VAL A 74 4.05 2.40 -7.94
N ALA A 75 3.01 1.83 -7.33
CA ALA A 75 2.11 0.94 -8.05
C ALA A 75 0.78 0.71 -7.33
N ALA A 76 -0.31 1.15 -7.92
CA ALA A 76 -1.62 0.94 -7.35
C ALA A 76 -2.14 -0.42 -7.82
N ARG A 77 -1.80 -0.79 -9.06
CA ARG A 77 -2.24 -2.06 -9.64
C ARG A 77 -1.86 -3.26 -8.74
N GLN A 78 -2.87 -4.02 -8.35
CA GLN A 78 -2.71 -5.17 -7.46
C GLN A 78 -1.61 -6.18 -7.85
N TYR A 79 -1.58 -6.64 -9.09
CA TYR A 79 -0.57 -7.62 -9.51
C TYR A 79 0.86 -7.09 -9.48
N ALA A 80 1.01 -5.78 -9.30
CA ALA A 80 2.34 -5.18 -9.26
C ALA A 80 2.88 -5.04 -7.84
N HIS A 81 2.03 -5.22 -6.83
CA HIS A 81 2.49 -5.04 -5.44
C HIS A 81 3.64 -5.95 -5.04
N LYS A 82 3.46 -7.26 -5.21
CA LYS A 82 4.51 -8.22 -4.86
C LYS A 82 5.82 -7.96 -5.63
N PRO A 83 5.73 -7.80 -6.97
CA PRO A 83 6.94 -7.54 -7.75
C PRO A 83 7.67 -6.28 -7.29
N VAL A 84 6.90 -5.24 -6.98
CA VAL A 84 7.43 -3.96 -6.51
C VAL A 84 8.12 -4.14 -5.14
N GLN A 85 7.47 -4.83 -4.23
CA GLN A 85 8.02 -5.05 -2.88
C GLN A 85 9.27 -5.93 -2.94
N MET A 86 9.27 -6.95 -3.80
CA MET A 86 10.43 -7.83 -3.93
C MET A 86 11.58 -7.08 -4.60
N PHE A 87 11.26 -6.25 -5.58
CA PHE A 87 12.29 -5.45 -6.23
C PHE A 87 12.94 -4.58 -5.16
N SER A 88 12.11 -3.97 -4.33
CA SER A 88 12.60 -3.10 -3.26
C SER A 88 13.42 -3.86 -2.23
N LYS A 89 13.04 -5.11 -1.95
CA LYS A 89 13.76 -5.95 -1.01
C LYS A 89 15.18 -6.15 -1.51
N VAL A 90 15.31 -6.35 -2.82
CA VAL A 90 16.62 -6.57 -3.44
C VAL A 90 17.43 -5.29 -3.63
N VAL A 91 16.81 -4.30 -4.27
CA VAL A 91 17.46 -3.03 -4.59
C VAL A 91 17.64 -2.07 -3.42
N GLY A 92 16.71 -2.09 -2.47
CA GLY A 92 16.81 -1.20 -1.32
C GLY A 92 16.04 0.08 -1.55
N SER A 93 15.23 0.09 -2.62
CA SER A 93 14.44 1.27 -2.95
C SER A 93 13.22 1.39 -2.03
N ASP A 94 12.66 2.59 -1.98
CA ASP A 94 11.48 2.87 -1.18
C ASP A 94 10.31 2.56 -2.12
N TYR A 95 9.12 2.36 -1.57
CA TYR A 95 7.96 2.07 -2.40
C TYR A 95 6.65 2.48 -1.75
N ILE A 96 5.64 2.64 -2.59
CA ILE A 96 4.29 2.96 -2.14
C ILE A 96 3.36 2.15 -3.03
N VAL A 97 2.66 1.19 -2.45
CA VAL A 97 1.72 0.38 -3.21
C VAL A 97 0.32 0.71 -2.71
N GLY A 98 -0.69 0.46 -3.53
CA GLY A 98 -2.03 0.80 -3.13
C GLY A 98 -2.26 2.26 -3.46
N ARG A 99 -3.27 2.88 -2.85
CA ARG A 99 -3.56 4.28 -3.13
C ARG A 99 -2.43 5.25 -2.74
N PHE A 100 -2.01 6.04 -3.71
CA PHE A 100 -0.96 7.05 -3.54
C PHE A 100 -1.68 8.30 -3.04
N ILE A 101 -1.30 8.80 -1.86
CA ILE A 101 -1.94 9.98 -1.30
C ILE A 101 -1.46 11.28 -1.94
N PRO A 102 -2.39 12.07 -2.49
CA PRO A 102 -2.02 13.34 -3.13
C PRO A 102 -1.23 14.20 -2.14
N GLY A 103 -0.08 14.71 -2.59
CA GLY A 103 0.76 15.52 -1.73
C GLY A 103 1.97 14.77 -1.22
N THR A 104 1.99 13.45 -1.46
CA THR A 104 3.11 12.62 -1.01
C THR A 104 4.46 13.15 -1.50
N LEU A 105 4.49 13.77 -2.66
CA LEU A 105 5.75 14.29 -3.19
C LEU A 105 5.82 15.82 -3.20
N THR A 106 4.69 16.46 -2.94
CA THR A 106 4.62 17.93 -2.94
C THR A 106 4.35 18.60 -1.60
N ASN A 107 3.85 17.85 -0.61
CA ASN A 107 3.55 18.45 0.69
C ASN A 107 4.47 17.94 1.79
N PRO A 108 5.53 18.73 2.11
CA PRO A 108 6.52 18.41 3.13
C PRO A 108 5.96 18.06 4.51
N MET A 109 4.72 18.44 4.76
CA MET A 109 4.10 18.19 6.06
C MET A 109 3.33 16.88 6.22
N LEU A 110 3.09 16.16 5.13
CA LEU A 110 2.41 14.87 5.23
C LEU A 110 3.36 13.86 5.81
N SER A 111 2.86 12.93 6.61
CA SER A 111 3.70 11.91 7.19
C SER A 111 4.25 11.01 6.07
N GLU A 112 3.54 10.98 4.95
CA GLU A 112 3.97 10.16 3.82
C GLU A 112 4.99 10.85 2.91
N TYR A 113 5.18 12.15 3.14
CA TYR A 113 6.13 12.92 2.31
C TYR A 113 7.51 12.31 2.15
N ARG A 114 8.01 12.29 0.92
CA ARG A 114 9.35 11.79 0.67
C ARG A 114 10.01 12.62 -0.42
N GLU A 115 11.33 12.53 -0.49
CA GLU A 115 12.11 13.27 -1.48
C GLU A 115 13.04 12.33 -2.23
N PRO A 116 12.47 11.51 -3.13
CA PRO A 116 13.28 10.57 -3.90
C PRO A 116 13.92 11.35 -5.05
N GLU A 117 14.98 10.81 -5.62
CA GLU A 117 15.64 11.46 -6.75
C GLU A 117 15.14 10.90 -8.08
N VAL A 118 14.42 9.78 -8.02
CA VAL A 118 13.86 9.16 -9.22
C VAL A 118 12.62 8.35 -8.81
N VAL A 119 11.58 8.42 -9.63
CA VAL A 119 10.33 7.71 -9.36
C VAL A 119 10.07 6.70 -10.49
N PHE A 120 9.68 5.48 -10.12
CA PHE A 120 9.43 4.40 -11.08
C PHE A 120 8.02 3.87 -10.86
N VAL A 121 7.12 4.19 -11.79
CA VAL A 121 5.73 3.76 -11.67
C VAL A 121 5.41 2.55 -12.54
N ASN A 122 4.36 1.83 -12.15
CA ASN A 122 3.92 0.65 -12.86
C ASN A 122 3.09 0.98 -14.10
N ASP A 123 2.32 2.06 -14.03
CA ASP A 123 1.45 2.44 -15.14
C ASP A 123 1.12 3.93 -15.03
N PRO A 124 1.55 4.73 -16.02
CA PRO A 124 1.29 6.18 -15.99
C PRO A 124 -0.17 6.60 -15.94
N ALA A 125 -1.08 5.70 -16.32
CA ALA A 125 -2.51 6.02 -16.27
C ALA A 125 -3.02 5.79 -14.85
N ILE A 126 -2.70 4.62 -14.30
CA ILE A 126 -3.12 4.25 -12.96
C ILE A 126 -2.40 5.09 -11.89
N ASP A 127 -1.09 5.22 -12.03
CA ASP A 127 -0.29 5.98 -11.07
C ASP A 127 -0.06 7.41 -11.55
N LYS A 128 -1.08 8.00 -12.16
CA LYS A 128 -0.98 9.36 -12.67
C LYS A 128 -0.67 10.41 -11.60
N GLN A 129 -1.22 10.25 -10.41
CA GLN A 129 -0.97 11.22 -9.34
C GLN A 129 0.53 11.30 -9.06
N ALA A 130 1.17 10.13 -8.92
CA ALA A 130 2.61 10.07 -8.65
C ALA A 130 3.41 10.67 -9.80
N VAL A 131 3.02 10.34 -11.03
CA VAL A 131 3.71 10.86 -12.21
C VAL A 131 3.62 12.38 -12.29
N SER A 132 2.42 12.92 -12.09
CA SER A 132 2.21 14.36 -12.15
C SER A 132 3.00 15.09 -11.07
N GLU A 133 2.97 14.58 -9.84
CA GLU A 133 3.70 15.21 -8.74
C GLU A 133 5.22 15.14 -8.92
N ALA A 134 5.73 13.98 -9.31
CA ALA A 134 7.16 13.83 -9.52
C ALA A 134 7.61 14.81 -10.60
N THR A 135 6.82 14.94 -11.66
CA THR A 135 7.17 15.84 -12.74
C THR A 135 7.10 17.30 -12.30
N ALA A 136 6.13 17.63 -11.45
CA ALA A 136 5.99 19.00 -10.96
C ALA A 136 7.18 19.40 -10.10
N VAL A 137 7.78 18.42 -9.42
CA VAL A 137 8.92 18.68 -8.56
C VAL A 137 10.27 18.45 -9.25
N GLY A 138 10.24 18.11 -10.54
CA GLY A 138 11.47 17.90 -11.28
C GLY A 138 12.19 16.57 -11.08
N ILE A 139 11.45 15.57 -10.62
CA ILE A 139 12.00 14.25 -10.37
C ILE A 139 11.79 13.39 -11.62
N PRO A 140 12.87 12.77 -12.14
CA PRO A 140 12.75 11.93 -13.34
C PRO A 140 11.79 10.78 -13.08
N VAL A 141 10.97 10.46 -14.09
CA VAL A 141 10.01 9.38 -13.97
C VAL A 141 10.27 8.22 -14.93
N VAL A 142 10.43 7.02 -14.38
CA VAL A 142 10.62 5.81 -15.17
C VAL A 142 9.26 5.12 -15.12
N ALA A 143 8.86 4.45 -16.20
CA ALA A 143 7.57 3.80 -16.19
C ALA A 143 7.44 2.63 -17.14
N LEU A 144 6.59 1.67 -16.75
CA LEU A 144 6.29 0.52 -17.60
C LEU A 144 5.13 1.07 -18.44
N CYS A 145 5.22 0.96 -19.76
CA CYS A 145 4.16 1.46 -20.62
C CYS A 145 3.63 0.38 -21.56
N ASP A 146 2.32 0.19 -21.55
CA ASP A 146 1.65 -0.80 -22.40
C ASP A 146 1.19 -0.06 -23.64
N SER A 147 0.68 -0.79 -24.63
CA SER A 147 0.24 -0.17 -25.88
C SER A 147 -0.76 0.97 -25.70
N ASN A 148 -1.61 0.87 -24.68
CA ASN A 148 -2.62 1.89 -24.40
C ASN A 148 -2.11 3.11 -23.65
N ASN A 149 -0.86 3.07 -23.19
CA ASN A 149 -0.30 4.19 -22.44
C ASN A 149 0.31 5.29 -23.28
N SER A 150 0.26 6.50 -22.76
CA SER A 150 0.84 7.66 -23.41
C SER A 150 0.94 8.77 -22.37
N SER A 151 2.16 9.22 -22.11
CA SER A 151 2.36 10.28 -21.13
C SER A 151 3.57 11.14 -21.47
N ALA A 152 3.35 12.44 -21.52
CA ALA A 152 4.41 13.40 -21.81
C ALA A 152 5.22 13.63 -20.54
N ASP A 153 4.79 13.01 -19.45
CA ASP A 153 5.47 13.15 -18.17
C ASP A 153 6.41 11.99 -17.84
N VAL A 154 6.43 10.96 -18.67
CA VAL A 154 7.33 9.82 -18.44
C VAL A 154 8.65 10.06 -19.18
N ASP A 155 9.73 10.08 -18.43
CA ASP A 155 11.06 10.34 -18.99
C ASP A 155 11.77 9.10 -19.55
N LEU A 156 11.62 7.97 -18.88
CA LEU A 156 12.24 6.74 -19.35
C LEU A 156 11.14 5.68 -19.45
N VAL A 157 10.96 5.15 -20.66
CA VAL A 157 9.92 4.15 -20.91
C VAL A 157 10.45 2.72 -21.01
N ILE A 158 9.67 1.79 -20.45
CA ILE A 158 9.97 0.36 -20.51
C ILE A 158 8.69 -0.19 -21.13
N PRO A 159 8.71 -0.42 -22.45
CA PRO A 159 7.56 -0.93 -23.20
C PRO A 159 7.26 -2.39 -22.92
N THR A 160 6.16 -2.62 -22.21
CA THR A 160 5.79 -3.98 -21.83
C THR A 160 4.35 -4.07 -21.36
N ASN A 161 3.85 -5.31 -21.33
CA ASN A 161 2.52 -5.58 -20.82
C ASN A 161 2.71 -5.23 -19.34
N ASN A 162 2.01 -4.21 -18.84
CA ASN A 162 2.16 -3.83 -17.44
C ASN A 162 0.95 -4.22 -16.60
N LYS A 163 0.19 -5.19 -17.10
CA LYS A 163 -1.02 -5.63 -16.42
C LYS A 163 -1.00 -7.09 -16.01
N GLY A 164 -0.34 -7.93 -16.82
CA GLY A 164 -0.27 -9.36 -16.55
C GLY A 164 0.54 -9.75 -15.33
N ARG A 165 0.00 -10.71 -14.56
CA ARG A 165 0.65 -11.19 -13.35
C ARG A 165 2.09 -11.66 -13.61
N ARG A 166 2.24 -12.55 -14.59
CA ARG A 166 3.55 -13.10 -14.91
C ARG A 166 4.45 -12.07 -15.60
N ALA A 167 3.84 -11.25 -16.45
CA ALA A 167 4.60 -10.23 -17.17
C ALA A 167 5.25 -9.26 -16.18
N LEU A 168 4.50 -8.83 -15.18
CA LEU A 168 5.05 -7.92 -14.18
C LEU A 168 6.13 -8.61 -13.35
N ALA A 169 5.90 -9.88 -13.01
CA ALA A 169 6.89 -10.61 -12.23
C ALA A 169 8.24 -10.69 -12.93
N ILE A 170 8.26 -11.10 -14.19
CA ILE A 170 9.53 -11.22 -14.89
C ILE A 170 10.22 -9.88 -15.16
N VAL A 171 9.45 -8.82 -15.41
CA VAL A 171 10.05 -7.52 -15.67
C VAL A 171 10.72 -6.92 -14.43
N TYR A 172 10.01 -6.91 -13.29
CA TYR A 172 10.59 -6.37 -12.06
C TYR A 172 11.74 -7.27 -11.60
N TRP A 173 11.57 -8.58 -11.80
CA TRP A 173 12.59 -9.55 -11.42
C TRP A 173 13.88 -9.29 -12.21
N LEU A 174 13.74 -9.09 -13.52
CA LEU A 174 14.89 -8.83 -14.38
C LEU A 174 15.58 -7.52 -14.05
N LEU A 175 14.79 -6.49 -13.75
CA LEU A 175 15.35 -5.18 -13.40
C LEU A 175 16.15 -5.30 -12.11
N ALA A 176 15.60 -6.00 -11.12
CA ALA A 176 16.28 -6.19 -9.85
C ALA A 176 17.53 -7.04 -10.05
N ARG A 177 17.42 -8.06 -10.88
CA ARG A 177 18.55 -8.93 -11.14
C ARG A 177 19.72 -8.18 -11.76
N GLU A 178 19.42 -7.33 -12.75
CA GLU A 178 20.47 -6.57 -13.42
C GLU A 178 21.08 -5.49 -12.54
N ILE A 179 20.26 -4.87 -11.70
CA ILE A 179 20.75 -3.85 -10.79
C ILE A 179 21.68 -4.51 -9.77
N ALA A 180 21.29 -5.69 -9.29
CA ALA A 180 22.12 -6.42 -8.33
C ALA A 180 23.45 -6.82 -8.95
N LYS A 181 23.41 -7.22 -10.23
CA LYS A 181 24.62 -7.61 -10.97
C LYS A 181 25.61 -6.46 -11.04
N ILE A 182 25.10 -5.29 -11.43
CA ILE A 182 25.91 -4.09 -11.55
C ILE A 182 26.55 -3.75 -10.21
N ARG A 183 25.76 -3.92 -9.15
CA ARG A 183 26.17 -3.64 -7.79
C ARG A 183 27.07 -4.72 -7.18
N GLY A 184 27.16 -5.86 -7.86
CA GLY A 184 27.98 -6.95 -7.34
C GLY A 184 27.32 -7.61 -6.15
N GLN A 185 25.99 -7.54 -6.11
CA GLN A 185 25.20 -8.11 -5.03
C GLN A 185 24.63 -9.48 -5.43
N ASP A 186 24.80 -10.48 -4.56
CA ASP A 186 24.31 -11.82 -4.86
C ASP A 186 22.79 -11.81 -5.02
N PHE A 187 22.31 -12.47 -6.06
CA PHE A 187 20.88 -12.52 -6.36
C PHE A 187 20.55 -13.95 -6.79
N THR A 188 19.68 -14.61 -6.03
CA THR A 188 19.30 -15.98 -6.34
C THR A 188 17.79 -16.18 -6.46
N TYR A 189 17.04 -15.08 -6.43
CA TYR A 189 15.59 -15.16 -6.55
C TYR A 189 15.13 -15.72 -7.88
N SER A 190 13.96 -16.34 -7.89
CA SER A 190 13.39 -16.88 -9.12
C SER A 190 12.24 -15.97 -9.51
N ILE A 191 11.78 -16.06 -10.75
CA ILE A 191 10.66 -15.24 -11.19
C ILE A 191 9.45 -15.51 -10.31
N GLU A 192 9.26 -16.77 -9.93
CA GLU A 192 8.14 -17.16 -9.07
C GLU A 192 8.14 -16.39 -7.76
N ASP A 193 9.33 -16.08 -7.25
CA ASP A 193 9.45 -15.34 -5.99
C ASP A 193 8.90 -13.92 -6.08
N PHE A 194 8.82 -13.39 -7.31
CA PHE A 194 8.33 -12.04 -7.54
C PHE A 194 6.87 -11.99 -7.94
N GLU A 195 6.32 -13.14 -8.31
CA GLU A 195 4.95 -13.22 -8.80
C GLU A 195 3.83 -13.10 -7.76
N ALA A 196 2.85 -12.25 -8.06
CA ALA A 196 1.72 -12.05 -7.18
C ALA A 196 0.92 -13.34 -7.04
N GLU A 197 0.30 -13.53 -5.87
CA GLU A 197 -0.50 -14.71 -5.61
C GLU A 197 -1.71 -14.80 -6.54
N LEU A 198 -2.36 -15.96 -6.53
CA LEU A 198 -3.53 -16.23 -7.36
C LEU A 198 -3.13 -16.70 -8.76
N GLU B 6 1.97 28.86 -13.15
CA GLU B 6 2.79 28.89 -11.90
C GLU B 6 4.17 28.30 -12.18
N TYR B 7 4.33 27.68 -13.33
CA TYR B 7 5.60 27.06 -13.71
C TYR B 7 6.72 28.09 -13.81
N GLU B 8 7.93 27.66 -13.47
CA GLU B 8 9.10 28.53 -13.51
C GLU B 8 10.13 28.03 -14.52
N TYR B 9 10.27 28.76 -15.62
CA TYR B 9 11.20 28.43 -16.68
C TYR B 9 12.66 28.77 -16.35
N LEU B 10 13.58 28.07 -17.00
CA LEU B 10 15.02 28.28 -16.78
C LEU B 10 15.43 29.68 -17.21
N VAL B 11 14.68 30.24 -18.14
CA VAL B 11 14.93 31.58 -18.65
C VAL B 11 13.57 32.19 -18.97
N PRO B 12 13.51 33.52 -19.16
CA PRO B 12 12.22 34.14 -19.50
C PRO B 12 11.67 33.45 -20.73
N PRO B 13 10.41 32.98 -20.66
CA PRO B 13 9.76 32.29 -21.79
C PRO B 13 10.01 32.96 -23.13
N ASP B 14 10.00 34.28 -23.15
CA ASP B 14 10.24 35.03 -24.37
C ASP B 14 11.58 34.67 -25.01
N ASP B 15 12.56 34.32 -24.19
CA ASP B 15 13.87 33.93 -24.69
C ASP B 15 13.78 32.62 -25.48
N TYR B 16 12.94 31.70 -25.02
CA TYR B 16 12.74 30.42 -25.71
C TYR B 16 12.11 30.69 -27.07
N LEU B 17 11.08 31.53 -27.08
CA LEU B 17 10.36 31.85 -28.31
C LEU B 17 11.23 32.60 -29.31
N ALA B 18 12.04 33.53 -28.83
CA ALA B 18 12.91 34.30 -29.71
C ALA B 18 13.90 33.36 -30.39
N ALA B 19 14.25 32.29 -29.69
CA ALA B 19 15.19 31.30 -30.21
C ALA B 19 14.50 30.33 -31.18
N GLY B 20 13.17 30.29 -31.13
CA GLY B 20 12.43 29.41 -32.03
C GLY B 20 12.46 27.92 -31.68
N VAL B 21 12.70 27.58 -30.42
CA VAL B 21 12.73 26.18 -30.00
C VAL B 21 11.38 25.50 -30.15
N HIS B 22 10.31 26.29 -30.09
CA HIS B 22 8.95 25.79 -30.18
C HIS B 22 8.49 25.55 -31.61
N ILE B 23 9.25 26.04 -32.59
CA ILE B 23 8.88 25.87 -33.98
C ILE B 23 9.32 24.53 -34.57
N GLY B 24 8.34 23.65 -34.80
CA GLY B 24 8.64 22.35 -35.36
C GLY B 24 8.58 22.37 -36.88
N THR B 25 8.29 21.22 -37.49
CA THR B 25 8.20 21.15 -38.94
C THR B 25 6.76 20.91 -39.40
N GLN B 26 6.60 20.62 -40.69
CA GLN B 26 5.28 20.37 -41.27
C GLN B 26 4.84 18.94 -40.98
N ILE B 27 5.71 18.15 -40.35
CA ILE B 27 5.41 16.76 -40.05
C ILE B 27 5.32 16.45 -38.56
N LYS B 28 4.41 15.54 -38.22
CA LYS B 28 4.20 15.11 -36.84
C LYS B 28 4.18 13.59 -36.75
N THR B 29 5.07 13.03 -35.92
CA THR B 29 5.13 11.58 -35.75
C THR B 29 4.28 11.20 -34.53
N GLY B 30 3.92 9.93 -34.42
CA GLY B 30 3.14 9.50 -33.28
C GLY B 30 3.97 9.65 -32.01
N ASP B 31 5.28 9.45 -32.16
CA ASP B 31 6.22 9.56 -31.05
C ASP B 31 6.22 10.97 -30.44
N MET B 32 6.11 11.98 -31.28
CA MET B 32 6.13 13.37 -30.83
C MET B 32 4.77 14.04 -30.55
N LYS B 33 3.68 13.34 -30.86
CA LYS B 33 2.36 13.91 -30.64
C LYS B 33 2.15 14.50 -29.24
N LYS B 34 2.61 13.77 -28.22
CA LYS B 34 2.45 14.22 -26.83
C LYS B 34 3.21 15.50 -26.49
N PHE B 35 4.10 15.94 -27.37
CA PHE B 35 4.87 17.15 -27.11
C PHE B 35 4.41 18.33 -27.96
N ILE B 36 3.48 18.08 -28.87
CA ILE B 36 2.98 19.14 -29.73
C ILE B 36 1.84 19.89 -29.07
N PHE B 37 2.04 21.18 -28.87
CA PHE B 37 1.05 22.04 -28.24
C PHE B 37 -0.11 22.32 -29.18
N LYS B 38 0.21 22.62 -30.43
CA LYS B 38 -0.80 22.91 -31.43
C LYS B 38 -0.18 22.91 -32.81
N VAL B 39 -0.99 23.17 -33.83
CA VAL B 39 -0.50 23.24 -35.19
C VAL B 39 -0.82 24.65 -35.68
N ARG B 40 0.19 25.32 -36.20
CA ARG B 40 0.02 26.69 -36.70
C ARG B 40 -0.76 26.78 -38.00
N GLN B 41 -1.25 27.98 -38.27
CA GLN B 41 -2.02 28.27 -39.47
C GLN B 41 -1.29 27.80 -40.72
N ASP B 42 0.02 28.02 -40.76
CA ASP B 42 0.85 27.65 -41.90
C ASP B 42 1.21 26.16 -41.98
N GLY B 43 0.65 25.36 -41.11
CA GLY B 43 0.94 23.93 -41.13
C GLY B 43 2.08 23.47 -40.24
N LEU B 44 2.81 24.42 -39.65
CA LEU B 44 3.92 24.08 -38.77
C LEU B 44 3.44 23.70 -37.38
N TYR B 45 3.98 22.61 -36.86
CA TYR B 45 3.61 22.14 -35.53
C TYR B 45 4.37 22.92 -34.48
N VAL B 46 3.71 23.20 -33.36
CA VAL B 46 4.34 23.95 -32.28
C VAL B 46 4.60 23.07 -31.07
N LEU B 47 5.86 23.06 -30.64
CA LEU B 47 6.26 22.25 -29.48
C LEU B 47 5.91 22.91 -28.16
N ASP B 48 5.69 22.07 -27.15
CA ASP B 48 5.34 22.49 -25.80
C ASP B 48 6.61 22.93 -25.07
N ILE B 49 6.77 24.25 -24.87
CA ILE B 49 7.98 24.75 -24.19
C ILE B 49 8.04 24.38 -22.73
N ARG B 50 6.88 24.10 -22.14
CA ARG B 50 6.80 23.69 -20.75
C ARG B 50 7.53 22.34 -20.65
N LYS B 51 7.21 21.44 -21.58
CA LYS B 51 7.85 20.12 -21.60
C LYS B 51 9.33 20.21 -21.92
N LEU B 52 9.68 21.11 -22.85
CA LEU B 52 11.08 21.30 -23.20
C LEU B 52 11.88 21.72 -21.96
N ASP B 53 11.36 22.70 -21.24
CA ASP B 53 12.03 23.20 -20.05
C ASP B 53 12.20 22.08 -19.01
N GLU B 54 11.14 21.32 -18.78
CA GLU B 54 11.19 20.21 -17.83
C GLU B 54 12.22 19.18 -18.27
N ARG B 55 12.21 18.88 -19.56
CA ARG B 55 13.14 17.88 -20.12
C ARG B 55 14.60 18.32 -20.09
N ILE B 56 14.86 19.60 -20.29
CA ILE B 56 16.23 20.11 -20.24
C ILE B 56 16.70 19.94 -18.79
N ARG B 57 15.83 20.26 -17.84
CA ARG B 57 16.17 20.13 -16.43
C ARG B 57 16.50 18.69 -16.09
N VAL B 58 15.65 17.76 -16.51
CA VAL B 58 15.88 16.35 -16.24
C VAL B 58 17.17 15.83 -16.90
N ALA B 59 17.37 16.19 -18.17
CA ALA B 59 18.57 15.76 -18.89
C ALA B 59 19.84 16.25 -18.22
N ALA B 60 19.81 17.48 -17.71
CA ALA B 60 20.97 18.05 -17.04
C ALA B 60 21.27 17.27 -15.77
N LYS B 61 20.24 16.95 -15.00
CA LYS B 61 20.41 16.19 -13.77
C LYS B 61 21.02 14.83 -14.09
N PHE B 62 20.38 14.12 -15.00
CA PHE B 62 20.86 12.80 -15.39
C PHE B 62 22.31 12.81 -15.86
N LEU B 63 22.62 13.67 -16.82
CA LEU B 63 23.98 13.76 -17.34
C LEU B 63 25.01 14.07 -16.27
N SER B 64 24.62 14.80 -15.23
CA SER B 64 25.57 15.16 -14.18
C SER B 64 25.84 13.95 -13.29
N ARG B 65 25.21 12.83 -13.63
CA ARG B 65 25.37 11.57 -12.90
C ARG B 65 26.51 10.78 -13.53
N TYR B 66 27.18 11.38 -14.51
CA TYR B 66 28.27 10.70 -15.20
C TYR B 66 29.59 11.45 -15.14
N GLU B 67 30.68 10.69 -15.22
CA GLU B 67 32.00 11.30 -15.26
C GLU B 67 31.95 11.98 -16.62
N PRO B 68 32.19 13.30 -16.68
CA PRO B 68 32.15 14.04 -17.94
C PRO B 68 32.81 13.37 -19.15
N SER B 69 34.00 12.82 -18.96
CA SER B 69 34.71 12.17 -20.06
C SER B 69 34.00 10.96 -20.61
N LYS B 70 33.03 10.43 -19.85
CA LYS B 70 32.27 9.27 -20.28
C LYS B 70 31.00 9.64 -21.05
N ILE B 71 30.81 10.94 -21.26
CA ILE B 71 29.67 11.43 -22.02
C ILE B 71 30.17 11.72 -23.43
N LEU B 72 29.45 11.25 -24.44
CA LEU B 72 29.83 11.49 -25.83
C LEU B 72 28.71 12.19 -26.59
N LEU B 73 28.97 13.42 -27.06
CA LEU B 73 27.99 14.15 -27.85
C LEU B 73 28.26 13.85 -29.33
N VAL B 74 27.20 13.77 -30.11
CA VAL B 74 27.34 13.47 -31.53
C VAL B 74 26.44 14.42 -32.33
N ALA B 75 26.97 14.96 -33.43
CA ALA B 75 26.17 15.87 -34.26
C ALA B 75 26.79 16.08 -35.64
N ALA B 76 26.09 15.62 -36.67
CA ALA B 76 26.56 15.81 -38.04
C ALA B 76 26.02 17.16 -38.53
N ARG B 77 24.81 17.52 -38.10
CA ARG B 77 24.20 18.78 -38.51
C ARG B 77 25.12 19.96 -38.23
N GLN B 78 25.43 20.71 -39.29
CA GLN B 78 26.34 21.86 -39.22
C GLN B 78 26.07 22.89 -38.12
N TYR B 79 24.83 23.36 -38.00
CA TYR B 79 24.52 24.35 -36.97
C TYR B 79 24.65 23.84 -35.55
N ALA B 80 24.87 22.54 -35.40
CA ALA B 80 25.02 21.97 -34.08
C ALA B 80 26.47 21.84 -33.62
N HIS B 81 27.42 21.95 -34.56
CA HIS B 81 28.82 21.79 -34.19
C HIS B 81 29.30 22.74 -33.10
N LYS B 82 29.14 24.04 -33.32
CA LYS B 82 29.58 25.01 -32.31
C LYS B 82 28.90 24.77 -30.96
N PRO B 83 27.56 24.63 -30.95
CA PRO B 83 26.86 24.39 -29.67
C PRO B 83 27.42 23.14 -28.95
N VAL B 84 27.66 22.07 -29.72
CA VAL B 84 28.20 20.83 -29.18
C VAL B 84 29.62 21.01 -28.65
N GLN B 85 30.44 21.74 -29.39
CA GLN B 85 31.82 21.98 -28.97
C GLN B 85 31.87 22.89 -27.73
N MET B 86 31.01 23.90 -27.67
CA MET B 86 30.97 24.80 -26.52
C MET B 86 30.43 24.06 -25.29
N PHE B 87 29.44 23.19 -25.50
CA PHE B 87 28.87 22.40 -24.41
C PHE B 87 30.00 21.53 -23.82
N SER B 88 30.79 20.93 -24.70
CA SER B 88 31.87 20.06 -24.28
C SER B 88 32.99 20.82 -23.56
N LYS B 89 33.22 22.05 -24.00
CA LYS B 89 34.23 22.92 -23.41
C LYS B 89 33.87 23.11 -21.93
N VAL B 90 32.62 23.43 -21.68
CA VAL B 90 32.11 23.66 -20.32
C VAL B 90 31.97 22.38 -19.50
N VAL B 91 31.30 21.38 -20.08
CA VAL B 91 31.03 20.12 -19.39
C VAL B 91 32.20 19.15 -19.26
N GLY B 92 33.05 19.08 -20.27
CA GLY B 92 34.19 18.18 -20.23
C GLY B 92 33.89 16.88 -20.94
N SER B 93 32.80 16.88 -21.70
CA SER B 93 32.38 15.70 -22.45
C SER B 93 33.17 15.54 -23.74
N ASP B 94 33.14 14.33 -24.28
CA ASP B 94 33.81 14.02 -25.53
C ASP B 94 32.77 14.35 -26.60
N TYR B 95 33.18 14.49 -27.85
CA TYR B 95 32.23 14.76 -28.92
C TYR B 95 32.77 14.34 -30.27
N ILE B 96 31.85 14.14 -31.20
CA ILE B 96 32.20 13.81 -32.57
C ILE B 96 31.24 14.61 -33.44
N VAL B 97 31.77 15.57 -34.19
CA VAL B 97 30.95 16.38 -35.09
C VAL B 97 31.38 16.04 -36.52
N GLY B 98 30.48 16.26 -37.48
CA GLY B 98 30.78 15.91 -38.85
C GLY B 98 30.40 14.44 -39.01
N ARG B 99 30.91 13.79 -40.06
CA ARG B 99 30.58 12.38 -40.28
C ARG B 99 31.02 11.44 -39.16
N PHE B 100 30.08 10.66 -38.65
CA PHE B 100 30.33 9.68 -37.60
C PHE B 100 30.76 8.40 -38.34
N ILE B 101 31.94 7.90 -38.04
CA ILE B 101 32.44 6.71 -38.72
C ILE B 101 31.81 5.42 -38.20
N PRO B 102 31.17 4.64 -39.09
CA PRO B 102 30.55 3.38 -38.67
C PRO B 102 31.60 2.51 -38.00
N GLY B 103 31.29 2.04 -36.78
CA GLY B 103 32.23 1.21 -36.04
C GLY B 103 32.85 1.96 -34.86
N THR B 104 32.60 3.26 -34.78
CA THR B 104 33.16 4.08 -33.69
C THR B 104 32.79 3.57 -32.30
N LEU B 105 31.60 2.99 -32.16
CA LEU B 105 31.19 2.48 -30.85
C LEU B 105 31.14 0.95 -30.82
N THR B 106 31.30 0.32 -31.98
CA THR B 106 31.23 -1.14 -32.05
C THR B 106 32.48 -1.87 -32.53
N ASN B 107 33.42 -1.16 -33.15
CA ASN B 107 34.65 -1.80 -33.64
C ASN B 107 35.88 -1.36 -32.86
N PRO B 108 36.32 -2.18 -31.89
CA PRO B 108 37.50 -1.91 -31.04
C PRO B 108 38.81 -1.68 -31.78
N MET B 109 38.90 -2.10 -33.04
CA MET B 109 40.13 -1.92 -33.80
C MET B 109 40.19 -0.54 -34.44
N LEU B 110 39.03 0.08 -34.64
CA LEU B 110 38.94 1.41 -35.25
C LEU B 110 39.68 2.42 -34.38
N SER B 111 40.47 3.28 -35.00
CA SER B 111 41.22 4.30 -34.27
C SER B 111 40.30 5.27 -33.51
N GLU B 112 39.13 5.54 -34.05
CA GLU B 112 38.17 6.46 -33.43
C GLU B 112 37.32 5.80 -32.35
N TYR B 113 37.54 4.52 -32.11
CA TYR B 113 36.77 3.77 -31.11
C TYR B 113 36.73 4.39 -29.71
N ARG B 114 35.54 4.42 -29.11
CA ARG B 114 35.43 4.92 -27.74
C ARG B 114 34.39 4.15 -26.96
N GLU B 115 34.47 4.26 -25.65
CA GLU B 115 33.55 3.56 -24.77
C GLU B 115 32.89 4.51 -23.79
N PRO B 116 31.96 5.33 -24.30
CA PRO B 116 31.26 6.29 -23.43
C PRO B 116 30.20 5.51 -22.65
N GLU B 117 29.69 6.11 -21.57
CA GLU B 117 28.67 5.47 -20.77
C GLU B 117 27.30 6.04 -21.16
N VAL B 118 27.32 7.15 -21.89
CA VAL B 118 26.08 7.76 -22.37
C VAL B 118 26.37 8.56 -23.63
N VAL B 119 25.45 8.51 -24.58
CA VAL B 119 25.59 9.22 -25.85
C VAL B 119 24.44 10.21 -26.00
N PHE B 120 24.76 11.43 -26.44
CA PHE B 120 23.76 12.49 -26.62
C PHE B 120 23.86 13.00 -28.05
N VAL B 121 22.88 12.66 -28.88
CA VAL B 121 22.90 13.08 -30.28
C VAL B 121 21.99 14.28 -30.55
N ASN B 122 22.31 15.01 -31.62
CA ASN B 122 21.54 16.19 -32.01
C ASN B 122 20.25 15.87 -32.75
N ASP B 123 20.23 14.76 -33.48
CA ASP B 123 19.05 14.40 -34.27
C ASP B 123 19.13 12.90 -34.59
N PRO B 124 18.18 12.10 -34.08
CA PRO B 124 18.17 10.65 -34.32
C PRO B 124 18.06 10.19 -35.76
N ALA B 125 17.65 11.09 -36.65
CA ALA B 125 17.53 10.75 -38.07
C ALA B 125 18.89 11.01 -38.73
N ILE B 126 19.47 12.17 -38.43
CA ILE B 126 20.77 12.55 -38.98
C ILE B 126 21.90 11.72 -38.36
N ASP B 127 21.87 11.58 -37.04
CA ASP B 127 22.89 10.82 -36.32
C ASP B 127 22.43 9.39 -36.03
N LYS B 128 21.74 8.77 -36.98
CA LYS B 128 21.22 7.42 -36.82
C LYS B 128 22.30 6.35 -36.58
N GLN B 129 23.46 6.50 -37.23
CA GLN B 129 24.52 5.51 -37.05
C GLN B 129 24.93 5.45 -35.56
N ALA B 130 25.17 6.62 -34.97
CA ALA B 130 25.55 6.70 -33.57
C ALA B 130 24.45 6.13 -32.66
N VAL B 131 23.21 6.49 -32.95
CA VAL B 131 22.08 6.02 -32.16
C VAL B 131 21.97 4.50 -32.25
N SER B 132 22.09 3.96 -33.46
CA SER B 132 22.00 2.53 -33.68
C SER B 132 23.12 1.78 -32.96
N GLU B 133 24.35 2.25 -33.11
CA GLU B 133 25.48 1.60 -32.48
C GLU B 133 25.42 1.67 -30.96
N ALA B 134 25.08 2.84 -30.41
CA ALA B 134 24.99 3.00 -28.97
C ALA B 134 23.97 2.01 -28.40
N THR B 135 22.83 1.92 -29.07
CA THR B 135 21.77 1.01 -28.64
C THR B 135 22.25 -0.44 -28.71
N ALA B 136 22.95 -0.77 -29.79
CA ALA B 136 23.45 -2.14 -29.97
C ALA B 136 24.41 -2.56 -28.87
N VAL B 137 25.14 -1.59 -28.31
CA VAL B 137 26.09 -1.90 -27.25
C VAL B 137 25.58 -1.61 -25.84
N GLY B 138 24.31 -1.25 -25.73
CA GLY B 138 23.71 -0.99 -24.43
C GLY B 138 23.98 0.35 -23.78
N ILE B 139 24.39 1.34 -24.57
CA ILE B 139 24.69 2.67 -24.07
C ILE B 139 23.43 3.54 -24.18
N PRO B 140 22.96 4.11 -23.05
CA PRO B 140 21.78 4.97 -23.05
C PRO B 140 21.95 6.12 -24.05
N VAL B 141 20.87 6.45 -24.76
CA VAL B 141 20.90 7.52 -25.76
C VAL B 141 19.99 8.70 -25.41
N VAL B 142 20.56 9.90 -25.38
CA VAL B 142 19.81 11.11 -25.13
C VAL B 142 19.76 11.81 -26.48
N ALA B 143 18.64 12.45 -26.80
CA ALA B 143 18.55 13.12 -28.09
C ALA B 143 17.58 14.29 -28.15
N LEU B 144 17.90 15.23 -29.04
CA LEU B 144 17.03 16.36 -29.28
C LEU B 144 16.09 15.80 -30.35
N CYS B 145 14.79 15.93 -30.14
CA CYS B 145 13.82 15.43 -31.10
C CYS B 145 12.84 16.50 -31.53
N ASP B 146 12.73 16.69 -32.84
CA ASP B 146 11.83 17.68 -33.43
C ASP B 146 10.52 16.96 -33.76
N SER B 147 9.50 17.72 -34.18
CA SER B 147 8.20 17.12 -34.49
C SER B 147 8.27 15.99 -35.52
N ASN B 148 9.25 16.06 -36.42
CA ASN B 148 9.41 15.05 -37.47
C ASN B 148 10.20 13.81 -37.05
N ASN B 149 10.77 13.82 -35.84
CA ASN B 149 11.57 12.69 -35.38
C ASN B 149 10.78 11.59 -34.72
N SER B 150 11.31 10.37 -34.83
CA SER B 150 10.70 9.19 -34.23
C SER B 150 11.75 8.09 -34.18
N SER B 151 12.09 7.65 -32.98
CA SER B 151 13.09 6.60 -32.81
C SER B 151 12.88 5.81 -31.54
N ALA B 152 12.80 4.49 -31.70
CA ALA B 152 12.62 3.59 -30.57
C ALA B 152 13.96 3.42 -29.87
N ASP B 153 15.01 3.96 -30.50
CA ASP B 153 16.37 3.85 -29.96
C ASP B 153 16.78 5.01 -29.06
N VAL B 154 15.94 6.05 -28.96
CA VAL B 154 16.22 7.18 -28.10
C VAL B 154 15.64 6.91 -26.73
N ASP B 155 16.48 6.96 -25.70
CA ASP B 155 16.03 6.68 -24.35
C ASP B 155 15.51 7.88 -23.57
N LEU B 156 16.17 9.02 -23.73
CA LEU B 156 15.75 10.24 -23.06
C LEU B 156 15.58 11.28 -24.15
N VAL B 157 14.36 11.80 -24.26
CA VAL B 157 14.03 12.79 -25.28
C VAL B 157 13.97 14.22 -24.76
N ILE B 158 14.50 15.15 -25.57
CA ILE B 158 14.44 16.58 -25.27
C ILE B 158 13.69 17.09 -26.50
N PRO B 159 12.38 17.37 -26.35
CA PRO B 159 11.54 17.85 -27.45
C PRO B 159 11.79 19.30 -27.82
N THR B 160 12.38 19.52 -28.98
CA THR B 160 12.71 20.86 -29.42
C THR B 160 13.06 20.93 -30.89
N ASN B 161 13.05 22.16 -31.41
CA ASN B 161 13.46 22.43 -32.77
C ASN B 161 14.94 22.04 -32.70
N ASN B 162 15.39 21.10 -33.51
CA ASN B 162 16.81 20.72 -33.45
C ASN B 162 17.55 21.04 -34.73
N LYS B 163 16.99 21.99 -35.49
CA LYS B 163 17.56 22.40 -36.78
C LYS B 163 17.98 23.87 -36.77
N GLY B 164 17.20 24.70 -36.08
CA GLY B 164 17.48 26.12 -36.02
C GLY B 164 18.80 26.50 -35.37
N ARG B 165 19.47 27.49 -35.95
CA ARG B 165 20.75 27.96 -35.44
C ARG B 165 20.64 28.44 -33.99
N ARG B 166 19.68 29.31 -33.70
CA ARG B 166 19.55 29.82 -32.34
C ARG B 166 18.87 28.83 -31.42
N ALA B 167 18.01 27.99 -31.99
CA ALA B 167 17.31 26.99 -31.18
C ALA B 167 18.35 26.06 -30.58
N LEU B 168 19.31 25.63 -31.40
CA LEU B 168 20.35 24.73 -30.91
C LEU B 168 21.27 25.43 -29.92
N ALA B 169 21.60 26.69 -30.18
CA ALA B 169 22.46 27.44 -29.27
C ALA B 169 21.89 27.54 -27.86
N ILE B 170 20.62 27.91 -27.74
CA ILE B 170 20.04 28.06 -26.41
C ILE B 170 19.84 26.74 -25.68
N VAL B 171 19.53 25.67 -26.41
CA VAL B 171 19.33 24.38 -25.75
C VAL B 171 20.64 23.83 -25.20
N TYR B 172 21.69 23.81 -26.00
CA TYR B 172 22.98 23.31 -25.54
C TYR B 172 23.53 24.21 -24.44
N TRP B 173 23.29 25.52 -24.58
CA TRP B 173 23.72 26.53 -23.62
C TRP B 173 23.05 26.26 -22.26
N LEU B 174 21.74 26.05 -22.28
CA LEU B 174 21.00 25.78 -21.05
C LEU B 174 21.45 24.49 -20.36
N LEU B 175 21.63 23.44 -21.15
CA LEU B 175 22.07 22.16 -20.61
C LEU B 175 23.43 22.32 -19.94
N ALA B 176 24.35 22.99 -20.63
CA ALA B 176 25.69 23.22 -20.10
C ALA B 176 25.61 24.07 -18.83
N ARG B 177 24.80 25.12 -18.87
CA ARG B 177 24.65 26.00 -17.71
C ARG B 177 24.13 25.24 -16.49
N GLU B 178 23.09 24.43 -16.70
CA GLU B 178 22.52 23.66 -15.59
C GLU B 178 23.48 22.62 -15.05
N ILE B 179 24.26 21.99 -15.92
CA ILE B 179 25.21 20.98 -15.48
C ILE B 179 26.31 21.68 -14.68
N ALA B 180 26.77 22.83 -15.15
CA ALA B 180 27.81 23.58 -14.44
C ALA B 180 27.25 24.03 -13.09
N LYS B 181 25.99 24.46 -13.08
CA LYS B 181 25.34 24.91 -11.86
C LYS B 181 25.29 23.78 -10.83
N ILE B 182 24.96 22.59 -11.30
CA ILE B 182 24.90 21.41 -10.44
C ILE B 182 26.28 21.11 -9.86
N ARG B 183 27.33 21.55 -10.57
CA ARG B 183 28.71 21.35 -10.13
C ARG B 183 29.22 22.52 -9.31
N GLY B 184 28.68 23.71 -9.58
CA GLY B 184 29.11 24.92 -8.89
C GLY B 184 29.95 25.75 -9.84
N GLN B 185 30.50 25.07 -10.86
CA GLN B 185 31.34 25.69 -11.88
C GLN B 185 30.77 26.99 -12.43
N ASP B 186 31.58 28.05 -12.42
CA ASP B 186 31.15 29.35 -12.92
C ASP B 186 30.78 29.25 -14.39
N PHE B 187 29.71 29.94 -14.76
CA PHE B 187 29.22 29.94 -16.14
C PHE B 187 28.87 31.37 -16.53
N THR B 188 29.66 31.95 -17.42
CA THR B 188 29.46 33.34 -17.85
C THR B 188 29.16 33.49 -19.33
N TYR B 189 29.03 32.38 -20.04
CA TYR B 189 28.76 32.44 -21.46
C TYR B 189 27.37 32.96 -21.79
N SER B 190 27.26 33.60 -22.94
CA SER B 190 25.99 34.11 -23.41
C SER B 190 25.52 33.08 -24.42
N ILE B 191 24.25 33.18 -24.83
CA ILE B 191 23.71 32.27 -25.82
C ILE B 191 24.48 32.45 -27.12
N GLU B 192 24.84 33.71 -27.39
CA GLU B 192 25.60 34.05 -28.59
C GLU B 192 26.92 33.29 -28.67
N ASP B 193 27.56 33.07 -27.52
CA ASP B 193 28.83 32.36 -27.49
C ASP B 193 28.68 30.91 -27.96
N PHE B 194 27.44 30.40 -27.95
CA PHE B 194 27.17 29.02 -28.36
C PHE B 194 26.64 28.91 -29.80
N GLU B 195 26.21 30.04 -30.38
CA GLU B 195 25.65 30.06 -31.73
C GLU B 195 26.65 29.85 -32.87
N ALA B 196 26.28 29.00 -33.82
CA ALA B 196 27.13 28.73 -34.98
C ALA B 196 27.27 30.03 -35.77
N GLU B 197 28.43 30.22 -36.39
CA GLU B 197 28.66 31.42 -37.18
C GLU B 197 27.86 31.42 -38.48
N LEU B 198 27.83 32.57 -39.13
CA LEU B 198 27.09 32.72 -40.38
C LEU B 198 27.95 32.30 -41.57
N GLU C 6 4.07 -25.94 18.13
CA GLU C 6 5.08 -24.87 18.41
C GLU C 6 4.45 -23.72 19.20
N TYR C 7 3.14 -23.77 19.40
CA TYR C 7 2.44 -22.72 20.13
C TYR C 7 2.80 -22.72 21.61
N GLU C 8 3.00 -21.53 22.17
CA GLU C 8 3.35 -21.36 23.57
C GLU C 8 2.09 -21.06 24.38
N TYR C 9 1.77 -21.96 25.31
CA TYR C 9 0.59 -21.80 26.16
C TYR C 9 0.93 -21.07 27.46
N LEU C 10 -0.06 -20.44 28.06
CA LEU C 10 0.13 -19.72 29.32
C LEU C 10 0.51 -20.71 30.41
N VAL C 11 0.04 -21.93 30.26
CA VAL C 11 0.33 -23.01 31.19
C VAL C 11 0.44 -24.27 30.34
N PRO C 12 1.09 -25.32 30.86
CA PRO C 12 1.19 -26.52 30.02
C PRO C 12 -0.21 -27.06 29.71
N PRO C 13 -0.49 -27.34 28.42
CA PRO C 13 -1.77 -27.86 27.94
C PRO C 13 -2.45 -28.86 28.86
N ASP C 14 -1.66 -29.76 29.45
CA ASP C 14 -2.20 -30.76 30.35
C ASP C 14 -2.95 -30.13 31.51
N ASP C 15 -2.50 -28.96 31.96
CA ASP C 15 -3.19 -28.28 33.07
C ASP C 15 -4.55 -27.79 32.61
N TYR C 16 -4.62 -27.28 31.39
CA TYR C 16 -5.87 -26.80 30.81
C TYR C 16 -6.86 -27.96 30.74
N LEU C 17 -6.39 -29.10 30.27
CA LEU C 17 -7.23 -30.28 30.15
C LEU C 17 -7.63 -30.83 31.52
N ALA C 18 -6.66 -30.89 32.43
CA ALA C 18 -6.93 -31.38 33.78
C ALA C 18 -8.00 -30.53 34.44
N ALA C 19 -8.00 -29.23 34.13
CA ALA C 19 -8.98 -28.30 34.69
C ALA C 19 -10.32 -28.46 33.98
N GLY C 20 -10.29 -29.11 32.82
CA GLY C 20 -11.50 -29.35 32.06
C GLY C 20 -12.07 -28.16 31.31
N VAL C 21 -11.22 -27.20 30.95
CA VAL C 21 -11.71 -26.02 30.23
C VAL C 21 -12.22 -26.36 28.84
N HIS C 22 -11.77 -27.49 28.31
CA HIS C 22 -12.14 -27.94 26.97
C HIS C 22 -13.52 -28.60 26.91
N ILE C 23 -14.06 -28.96 28.07
CA ILE C 23 -15.36 -29.62 28.14
C ILE C 23 -16.54 -28.69 27.88
N GLY C 24 -17.12 -28.80 26.69
CA GLY C 24 -18.27 -27.98 26.34
C GLY C 24 -19.53 -28.60 26.88
N THR C 25 -20.57 -28.66 26.05
CA THR C 25 -21.84 -29.26 26.43
C THR C 25 -22.30 -30.09 25.25
N GLN C 26 -23.55 -30.55 25.28
CA GLN C 26 -24.06 -31.36 24.18
C GLN C 26 -24.71 -30.48 23.12
N ILE C 27 -24.56 -29.16 23.27
CA ILE C 27 -25.13 -28.20 22.31
C ILE C 27 -24.05 -27.33 21.66
N LYS C 28 -24.27 -26.98 20.40
CA LYS C 28 -23.35 -26.14 19.64
C LYS C 28 -24.11 -25.02 18.94
N THR C 29 -23.64 -23.78 19.11
CA THR C 29 -24.29 -22.64 18.47
C THR C 29 -23.47 -22.20 17.27
N GLY C 30 -24.09 -21.48 16.35
CA GLY C 30 -23.38 -21.01 15.17
C GLY C 30 -22.22 -20.11 15.53
N ASP C 31 -22.38 -19.31 16.57
CA ASP C 31 -21.34 -18.39 17.03
C ASP C 31 -20.12 -19.11 17.60
N MET C 32 -20.33 -20.27 18.22
CA MET C 32 -19.23 -21.01 18.81
C MET C 32 -18.57 -22.05 17.91
N LYS C 33 -19.13 -22.28 16.73
CA LYS C 33 -18.57 -23.27 15.81
C LYS C 33 -17.06 -23.12 15.61
N LYS C 34 -16.60 -21.90 15.36
CA LYS C 34 -15.19 -21.63 15.12
C LYS C 34 -14.25 -21.97 16.27
N PHE C 35 -14.79 -22.25 17.45
CA PHE C 35 -13.97 -22.59 18.62
C PHE C 35 -14.00 -24.06 19.00
N ILE C 36 -14.83 -24.83 18.31
CA ILE C 36 -14.93 -26.26 18.63
C ILE C 36 -13.88 -27.10 17.92
N PHE C 37 -13.12 -27.84 18.69
CA PHE C 37 -12.07 -28.70 18.17
C PHE C 37 -12.66 -29.94 17.53
N LYS C 38 -13.72 -30.48 18.14
CA LYS C 38 -14.38 -31.67 17.63
C LYS C 38 -15.57 -32.03 18.50
N VAL C 39 -16.22 -33.14 18.16
CA VAL C 39 -17.35 -33.64 18.92
C VAL C 39 -17.05 -35.08 19.26
N ARG C 40 -17.25 -35.46 20.52
CA ARG C 40 -16.97 -36.82 20.95
C ARG C 40 -18.11 -37.77 20.59
N GLN C 41 -17.88 -39.06 20.81
CA GLN C 41 -18.88 -40.09 20.52
C GLN C 41 -20.14 -39.84 21.33
N ASP C 42 -19.97 -39.47 22.59
CA ASP C 42 -21.10 -39.21 23.49
C ASP C 42 -21.81 -37.91 23.15
N GLY C 43 -21.32 -37.21 22.13
CA GLY C 43 -21.95 -35.96 21.72
C GLY C 43 -21.42 -34.70 22.38
N LEU C 44 -20.42 -34.85 23.25
CA LEU C 44 -19.84 -33.69 23.92
C LEU C 44 -18.96 -32.90 22.97
N TYR C 45 -19.24 -31.61 22.83
CA TYR C 45 -18.45 -30.74 21.96
C TYR C 45 -17.23 -30.31 22.75
N VAL C 46 -16.06 -30.47 22.14
CA VAL C 46 -14.79 -30.13 22.77
C VAL C 46 -14.26 -28.80 22.26
N LEU C 47 -14.05 -27.86 23.17
CA LEU C 47 -13.53 -26.55 22.81
C LEU C 47 -12.02 -26.63 22.59
N ASP C 48 -11.51 -25.77 21.71
CA ASP C 48 -10.10 -25.73 21.37
C ASP C 48 -9.32 -24.90 22.38
N ILE C 49 -8.44 -25.55 23.13
CA ILE C 49 -7.66 -24.85 24.15
C ILE C 49 -6.65 -23.83 23.61
N ARG C 50 -6.33 -23.92 22.32
CA ARG C 50 -5.40 -22.95 21.76
C ARG C 50 -6.14 -21.64 21.55
N LYS C 51 -7.39 -21.75 21.15
CA LYS C 51 -8.22 -20.56 20.94
C LYS C 51 -8.49 -19.90 22.29
N LEU C 52 -8.65 -20.72 23.32
CA LEU C 52 -8.89 -20.19 24.67
C LEU C 52 -7.66 -19.44 25.16
N ASP C 53 -6.49 -20.06 25.01
CA ASP C 53 -5.25 -19.44 25.43
C ASP C 53 -5.06 -18.10 24.74
N GLU C 54 -5.32 -18.06 23.44
CA GLU C 54 -5.16 -16.83 22.67
C GLU C 54 -6.09 -15.73 23.21
N ARG C 55 -7.34 -16.09 23.44
CA ARG C 55 -8.35 -15.15 23.95
C ARG C 55 -8.09 -14.67 25.37
N ILE C 56 -7.51 -15.52 26.21
CA ILE C 56 -7.22 -15.12 27.58
C ILE C 56 -6.13 -14.04 27.52
N ARG C 57 -5.15 -14.22 26.63
CA ARG C 57 -4.07 -13.25 26.47
C ARG C 57 -4.63 -11.92 26.00
N VAL C 58 -5.51 -11.97 25.00
CA VAL C 58 -6.13 -10.77 24.44
C VAL C 58 -7.01 -10.07 25.47
N ALA C 59 -7.77 -10.86 26.21
CA ALA C 59 -8.66 -10.33 27.23
C ALA C 59 -7.90 -9.66 28.37
N ALA C 60 -6.77 -10.23 28.74
CA ALA C 60 -5.96 -9.66 29.81
C ALA C 60 -5.43 -8.29 29.39
N LYS C 61 -5.02 -8.16 28.14
CA LYS C 61 -4.53 -6.88 27.63
C LYS C 61 -5.69 -5.89 27.47
N PHE C 62 -6.82 -6.40 26.98
CA PHE C 62 -8.01 -5.58 26.79
C PHE C 62 -8.41 -4.94 28.12
N LEU C 63 -8.55 -5.79 29.13
CA LEU C 63 -8.95 -5.34 30.46
C LEU C 63 -7.93 -4.44 31.15
N SER C 64 -6.66 -4.59 30.81
CA SER C 64 -5.64 -3.75 31.43
C SER C 64 -5.68 -2.33 30.85
N ARG C 65 -6.57 -2.10 29.89
CA ARG C 65 -6.68 -0.78 29.27
C ARG C 65 -7.65 0.09 30.09
N TYR C 66 -8.24 -0.49 31.12
CA TYR C 66 -9.20 0.23 31.96
C TYR C 66 -8.72 0.40 33.39
N GLU C 67 -9.15 1.46 34.05
CA GLU C 67 -8.77 1.64 35.44
C GLU C 67 -9.60 0.60 36.18
N PRO C 68 -8.95 -0.19 37.05
CA PRO C 68 -9.55 -1.26 37.86
C PRO C 68 -10.97 -1.05 38.37
N SER C 69 -11.21 0.05 39.08
CA SER C 69 -12.53 0.31 39.64
C SER C 69 -13.64 0.46 38.60
N LYS C 70 -13.26 0.65 37.33
CA LYS C 70 -14.25 0.80 36.26
C LYS C 70 -14.56 -0.51 35.55
N ILE C 71 -13.99 -1.59 36.05
CA ILE C 71 -14.23 -2.92 35.49
C ILE C 71 -15.29 -3.57 36.41
N LEU C 72 -16.37 -4.07 35.83
CA LEU C 72 -17.39 -4.72 36.65
C LEU C 72 -17.58 -6.16 36.23
N LEU C 73 -17.31 -7.08 37.16
CA LEU C 73 -17.52 -8.50 36.89
C LEU C 73 -18.91 -8.88 37.38
N VAL C 74 -19.54 -9.80 36.65
CA VAL C 74 -20.87 -10.25 37.01
C VAL C 74 -20.95 -11.77 36.89
N ALA C 75 -21.58 -12.42 37.87
CA ALA C 75 -21.75 -13.86 37.85
C ALA C 75 -22.80 -14.37 38.82
N ALA C 76 -23.87 -14.95 38.28
CA ALA C 76 -24.92 -15.52 39.11
C ALA C 76 -24.57 -16.97 39.43
N ARG C 77 -23.94 -17.66 38.47
CA ARG C 77 -23.54 -19.06 38.66
C ARG C 77 -22.71 -19.21 39.94
N GLN C 78 -23.17 -20.08 40.83
CA GLN C 78 -22.53 -20.30 42.11
C GLN C 78 -21.03 -20.61 42.07
N TYR C 79 -20.62 -21.55 41.22
CA TYR C 79 -19.20 -21.92 41.12
C TYR C 79 -18.31 -20.80 40.64
N ALA C 80 -18.90 -19.73 40.14
CA ALA C 80 -18.12 -18.60 39.65
C ALA C 80 -17.93 -17.51 40.71
N HIS C 81 -18.69 -17.56 41.80
CA HIS C 81 -18.57 -16.52 42.81
C HIS C 81 -17.16 -16.36 43.36
N LYS C 82 -16.57 -17.42 43.89
CA LYS C 82 -15.21 -17.31 44.43
C LYS C 82 -14.18 -16.87 43.40
N PRO C 83 -14.19 -17.48 42.19
CA PRO C 83 -13.22 -17.07 41.17
C PRO C 83 -13.34 -15.56 40.87
N VAL C 84 -14.58 -15.08 40.76
CA VAL C 84 -14.85 -13.66 40.49
C VAL C 84 -14.37 -12.76 41.63
N GLN C 85 -14.66 -13.16 42.86
CA GLN C 85 -14.25 -12.38 44.03
C GLN C 85 -12.72 -12.35 44.19
N MET C 86 -12.06 -13.47 43.87
CA MET C 86 -10.61 -13.55 43.96
C MET C 86 -9.97 -12.73 42.83
N PHE C 87 -10.55 -12.80 41.63
CA PHE C 87 -10.06 -12.02 40.51
C PHE C 87 -10.12 -10.55 40.90
N SER C 88 -11.25 -10.15 41.50
CA SER C 88 -11.45 -8.77 41.91
C SER C 88 -10.47 -8.36 43.02
N LYS C 89 -10.14 -9.32 43.89
CA LYS C 89 -9.21 -9.07 44.98
C LYS C 89 -7.85 -8.69 44.39
N VAL C 90 -7.43 -9.42 43.36
CA VAL C 90 -6.15 -9.17 42.70
C VAL C 90 -6.15 -7.95 41.78
N VAL C 91 -7.16 -7.88 40.91
CA VAL C 91 -7.27 -6.82 39.91
C VAL C 91 -7.79 -5.48 40.42
N GLY C 92 -8.69 -5.51 41.40
CA GLY C 92 -9.24 -4.28 41.93
C GLY C 92 -10.56 -3.92 41.28
N SER C 93 -11.13 -4.88 40.55
CA SER C 93 -12.40 -4.68 39.87
C SER C 93 -13.60 -4.75 40.80
N ASP C 94 -14.70 -4.17 40.36
CA ASP C 94 -15.95 -4.18 41.12
C ASP C 94 -16.60 -5.51 40.68
N TYR C 95 -17.59 -5.99 41.43
CA TYR C 95 -18.27 -7.22 41.05
C TYR C 95 -19.65 -7.33 41.68
N ILE C 96 -20.48 -8.15 41.07
CA ILE C 96 -21.82 -8.43 41.56
C ILE C 96 -22.03 -9.92 41.34
N VAL C 97 -22.12 -10.67 42.44
CA VAL C 97 -22.36 -12.11 42.34
C VAL C 97 -23.74 -12.35 42.91
N GLY C 98 -24.36 -13.46 42.54
CA GLY C 98 -25.71 -13.72 43.01
C GLY C 98 -26.64 -12.97 42.07
N ARG C 99 -27.88 -12.73 42.50
CA ARG C 99 -28.84 -12.03 41.64
C ARG C 99 -28.47 -10.59 41.28
N PHE C 100 -28.43 -10.32 39.98
CA PHE C 100 -28.13 -8.99 39.46
C PHE C 100 -29.49 -8.27 39.40
N ILE C 101 -29.59 -7.15 40.12
CA ILE C 101 -30.83 -6.39 40.17
C ILE C 101 -31.08 -5.58 38.90
N PRO C 102 -32.23 -5.80 38.23
CA PRO C 102 -32.52 -5.04 37.02
C PRO C 102 -32.47 -3.55 37.33
N GLY C 103 -31.72 -2.81 36.52
CA GLY C 103 -31.60 -1.38 36.74
C GLY C 103 -30.23 -0.97 37.29
N THR C 104 -29.44 -1.96 37.68
CA THR C 104 -28.11 -1.71 38.23
C THR C 104 -27.24 -0.84 37.31
N LEU C 105 -27.42 -0.99 36.01
CA LEU C 105 -26.62 -0.20 35.06
C LEU C 105 -27.43 0.86 34.32
N THR C 106 -28.74 0.88 34.53
CA THR C 106 -29.60 1.85 33.84
C THR C 106 -30.46 2.74 34.74
N ASN C 107 -30.55 2.41 36.03
CA ASN C 107 -31.36 3.18 36.95
C ASN C 107 -30.51 3.83 38.04
N PRO C 108 -30.13 5.11 37.87
CA PRO C 108 -29.30 5.86 38.82
C PRO C 108 -29.84 6.00 40.24
N MET C 109 -31.13 5.72 40.43
CA MET C 109 -31.71 5.86 41.76
C MET C 109 -31.54 4.62 42.64
N LEU C 110 -30.97 3.55 42.08
CA LEU C 110 -30.76 2.34 42.86
C LEU C 110 -29.45 2.48 43.60
N SER C 111 -29.42 2.06 44.86
CA SER C 111 -28.19 2.15 45.62
C SER C 111 -27.12 1.31 44.92
N GLU C 112 -27.56 0.27 44.21
CA GLU C 112 -26.64 -0.63 43.51
C GLU C 112 -26.15 -0.09 42.17
N TYR C 113 -26.68 1.05 41.73
CA TYR C 113 -26.29 1.63 40.45
C TYR C 113 -24.79 1.91 40.34
N ARG C 114 -24.20 1.55 39.20
CA ARG C 114 -22.79 1.82 38.96
C ARG C 114 -22.57 2.19 37.50
N GLU C 115 -21.43 2.83 37.25
CA GLU C 115 -21.09 3.26 35.91
C GLU C 115 -19.74 2.69 35.49
N PRO C 116 -19.69 1.37 35.24
CA PRO C 116 -18.41 0.77 34.83
C PRO C 116 -18.12 1.13 33.38
N GLU C 117 -16.86 0.96 32.97
CA GLU C 117 -16.49 1.25 31.58
C GLU C 117 -16.44 -0.04 30.77
N VAL C 118 -16.41 -1.17 31.49
CA VAL C 118 -16.40 -2.48 30.85
C VAL C 118 -17.02 -3.50 31.80
N VAL C 119 -17.81 -4.42 31.25
CA VAL C 119 -18.49 -5.45 32.03
C VAL C 119 -17.99 -6.82 31.58
N PHE C 120 -17.69 -7.69 32.54
CA PHE C 120 -17.19 -9.03 32.26
C PHE C 120 -18.11 -10.05 32.94
N VAL C 121 -18.96 -10.71 32.16
CA VAL C 121 -19.90 -11.69 32.73
C VAL C 121 -19.37 -13.11 32.62
N ASN C 122 -19.90 -13.98 33.47
CA ASN C 122 -19.51 -15.38 33.49
C ASN C 122 -20.24 -16.20 32.43
N ASP C 123 -21.48 -15.81 32.11
CA ASP C 123 -22.29 -16.55 31.14
C ASP C 123 -23.38 -15.63 30.62
N PRO C 124 -23.38 -15.35 29.31
CA PRO C 124 -24.36 -14.47 28.66
C PRO C 124 -25.81 -14.93 28.76
N ALA C 125 -26.02 -16.21 29.07
CA ALA C 125 -27.38 -16.73 29.20
C ALA C 125 -27.84 -16.47 30.64
N ILE C 126 -26.99 -16.86 31.59
CA ILE C 126 -27.28 -16.69 33.01
C ILE C 126 -27.27 -15.22 33.40
N ASP C 127 -26.24 -14.49 32.96
CA ASP C 127 -26.11 -13.08 33.28
C ASP C 127 -26.64 -12.20 32.15
N LYS C 128 -27.74 -12.62 31.55
CA LYS C 128 -28.31 -11.86 30.44
C LYS C 128 -28.78 -10.46 30.80
N GLN C 129 -29.30 -10.27 32.01
CA GLN C 129 -29.76 -8.94 32.41
C GLN C 129 -28.59 -7.95 32.36
N ALA C 130 -27.44 -8.35 32.89
CA ALA C 130 -26.26 -7.50 32.88
C ALA C 130 -25.79 -7.22 31.44
N VAL C 131 -25.75 -8.28 30.62
CA VAL C 131 -25.33 -8.13 29.23
C VAL C 131 -26.22 -7.14 28.48
N SER C 132 -27.53 -7.28 28.62
CA SER C 132 -28.47 -6.41 27.93
C SER C 132 -28.37 -4.94 28.40
N GLU C 133 -28.28 -4.74 29.71
CA GLU C 133 -28.17 -3.40 30.25
C GLU C 133 -26.86 -2.72 29.84
N ALA C 134 -25.75 -3.45 29.91
CA ALA C 134 -24.47 -2.90 29.52
C ALA C 134 -24.52 -2.49 28.05
N THR C 135 -25.06 -3.36 27.22
CA THR C 135 -25.16 -3.08 25.79
C THR C 135 -26.06 -1.88 25.52
N ALA C 136 -27.14 -1.76 26.29
CA ALA C 136 -28.06 -0.64 26.13
C ALA C 136 -27.40 0.70 26.47
N VAL C 137 -26.47 0.69 27.43
CA VAL C 137 -25.78 1.91 27.83
C VAL C 137 -24.47 2.12 27.08
N GLY C 138 -24.14 1.21 26.17
CA GLY C 138 -22.92 1.35 25.38
C GLY C 138 -21.63 0.88 26.05
N ILE C 139 -21.77 0.02 27.06
CA ILE C 139 -20.61 -0.49 27.76
C ILE C 139 -20.16 -1.81 27.13
N PRO C 140 -18.88 -1.92 26.73
CA PRO C 140 -18.40 -3.16 26.13
C PRO C 140 -18.55 -4.35 27.07
N VAL C 141 -18.89 -5.50 26.50
CA VAL C 141 -19.09 -6.71 27.28
C VAL C 141 -18.11 -7.82 26.94
N VAL C 142 -17.42 -8.33 27.96
CA VAL C 142 -16.50 -9.45 27.81
C VAL C 142 -17.27 -10.61 28.44
N ALA C 143 -17.11 -11.82 27.91
CA ALA C 143 -17.84 -12.94 28.49
C ALA C 143 -17.19 -14.28 28.25
N LEU C 144 -17.38 -15.19 29.20
CA LEU C 144 -16.90 -16.55 29.07
C LEU C 144 -18.06 -17.22 28.34
N CYS C 145 -17.77 -17.86 27.21
CA CYS C 145 -18.80 -18.51 26.42
C CYS C 145 -18.50 -19.99 26.19
N ASP C 146 -19.48 -20.83 26.53
CA ASP C 146 -19.35 -22.29 26.37
C ASP C 146 -19.97 -22.62 25.02
N SER C 147 -19.87 -23.88 24.59
CA SER C 147 -20.42 -24.28 23.29
C SER C 147 -21.89 -23.97 23.09
N ASN C 148 -22.66 -23.95 24.18
CA ASN C 148 -24.09 -23.67 24.10
C ASN C 148 -24.43 -22.18 24.06
N ASN C 149 -23.44 -21.33 24.34
CA ASN C 149 -23.69 -19.89 24.36
C ASN C 149 -23.68 -19.21 23.00
N SER C 150 -24.48 -18.15 22.89
CA SER C 150 -24.57 -17.37 21.66
C SER C 150 -25.21 -16.04 22.00
N SER C 151 -24.49 -14.95 21.75
CA SER C 151 -25.02 -13.62 22.03
C SER C 151 -24.44 -12.55 21.13
N ALA C 152 -25.32 -11.77 20.50
CA ALA C 152 -24.89 -10.70 19.63
C ALA C 152 -24.54 -9.46 20.47
N ASP C 153 -24.72 -9.59 21.78
CA ASP C 153 -24.44 -8.49 22.69
C ASP C 153 -23.07 -8.63 23.36
N VAL C 154 -22.41 -9.77 23.15
CA VAL C 154 -21.10 -10.00 23.72
C VAL C 154 -20.07 -9.43 22.75
N ASP C 155 -19.25 -8.51 23.22
CA ASP C 155 -18.24 -7.88 22.38
C ASP C 155 -16.92 -8.62 22.33
N LEU C 156 -16.50 -9.17 23.46
CA LEU C 156 -15.25 -9.92 23.50
C LEU C 156 -15.54 -11.29 24.09
N VAL C 157 -15.28 -12.33 23.30
CA VAL C 157 -15.54 -13.70 23.72
C VAL C 157 -14.32 -14.47 24.21
N ILE C 158 -14.50 -15.23 25.29
CA ILE C 158 -13.46 -16.08 25.84
C ILE C 158 -14.11 -17.48 25.81
N PRO C 159 -13.77 -18.29 24.78
CA PRO C 159 -14.31 -19.65 24.59
C PRO C 159 -13.81 -20.67 25.60
N THR C 160 -14.68 -21.07 26.52
CA THR C 160 -14.28 -22.02 27.56
C THR C 160 -15.47 -22.64 28.27
N ASN C 161 -15.21 -23.75 28.96
CA ASN C 161 -16.23 -24.41 29.76
C ASN C 161 -16.47 -23.40 30.89
N ASN C 162 -17.64 -22.78 30.93
CA ASN C 162 -17.93 -21.80 31.97
C ASN C 162 -18.83 -22.34 33.07
N LYS C 163 -18.87 -23.66 33.20
CA LYS C 163 -19.71 -24.31 34.21
C LYS C 163 -18.91 -25.10 35.23
N GLY C 164 -17.80 -25.69 34.77
CA GLY C 164 -16.97 -26.49 35.66
C GLY C 164 -16.27 -25.69 36.73
N ARG C 165 -16.28 -26.22 37.95
CA ARG C 165 -15.67 -25.58 39.11
C ARG C 165 -14.18 -25.28 38.91
N ARG C 166 -13.43 -26.30 38.48
CA ARG C 166 -12.00 -26.15 38.27
C ARG C 166 -11.72 -25.34 37.01
N ALA C 167 -12.58 -25.47 36.01
CA ALA C 167 -12.43 -24.72 34.76
C ALA C 167 -12.55 -23.23 35.01
N LEU C 168 -13.53 -22.85 35.83
CA LEU C 168 -13.73 -21.43 36.15
C LEU C 168 -12.56 -20.92 36.98
N ALA C 169 -12.06 -21.76 37.88
CA ALA C 169 -10.95 -21.37 38.73
C ALA C 169 -9.69 -21.04 37.92
N ILE C 170 -9.31 -21.93 37.00
CA ILE C 170 -8.10 -21.68 36.23
C ILE C 170 -8.22 -20.51 35.25
N VAL C 171 -9.41 -20.31 34.67
CA VAL C 171 -9.57 -19.22 33.72
C VAL C 171 -9.52 -17.85 34.40
N TYR C 172 -10.25 -17.69 35.51
CA TYR C 172 -10.23 -16.41 36.22
C TYR C 172 -8.85 -16.20 36.82
N TRP C 173 -8.24 -17.28 37.29
CA TRP C 173 -6.90 -17.24 37.87
C TRP C 173 -5.89 -16.75 36.83
N LEU C 174 -5.96 -17.33 35.63
CA LEU C 174 -5.05 -16.95 34.55
C LEU C 174 -5.24 -15.50 34.13
N LEU C 175 -6.50 -15.08 33.99
CA LEU C 175 -6.78 -13.70 33.61
C LEU C 175 -6.18 -12.74 34.64
N ALA C 176 -6.43 -12.99 35.92
CA ALA C 176 -5.89 -12.15 36.99
C ALA C 176 -4.36 -12.16 36.99
N ARG C 177 -3.78 -13.34 36.78
CA ARG C 177 -2.33 -13.47 36.75
C ARG C 177 -1.72 -12.63 35.63
N GLU C 178 -2.29 -12.72 34.43
CA GLU C 178 -1.79 -11.98 33.29
C GLU C 178 -1.97 -10.47 33.43
N ILE C 179 -3.08 -10.07 34.04
CA ILE C 179 -3.34 -8.65 34.25
C ILE C 179 -2.32 -8.13 35.27
N ALA C 180 -2.09 -8.92 36.33
CA ALA C 180 -1.12 -8.54 37.35
C ALA C 180 0.27 -8.44 36.71
N LYS C 181 0.61 -9.43 35.88
CA LYS C 181 1.90 -9.43 35.19
C LYS C 181 2.11 -8.12 34.43
N ILE C 182 1.10 -7.74 33.65
CA ILE C 182 1.16 -6.52 32.87
C ILE C 182 1.43 -5.30 33.75
N ARG C 183 0.86 -5.30 34.96
CA ARG C 183 1.03 -4.19 35.88
C ARG C 183 2.33 -4.27 36.68
N GLY C 184 2.99 -5.42 36.65
CA GLY C 184 4.21 -5.57 37.42
C GLY C 184 3.82 -5.74 38.88
N GLN C 185 2.62 -6.26 39.09
CA GLN C 185 2.08 -6.51 40.42
C GLN C 185 2.38 -7.96 40.81
N ASP C 186 2.91 -8.15 42.02
CA ASP C 186 3.26 -9.50 42.48
C ASP C 186 2.02 -10.38 42.60
N PHE C 187 2.11 -11.59 42.07
CA PHE C 187 1.00 -12.53 42.08
C PHE C 187 1.51 -13.92 42.46
N THR C 188 1.11 -14.40 43.64
CA THR C 188 1.56 -15.70 44.10
C THR C 188 0.42 -16.69 44.38
N TYR C 189 -0.79 -16.36 43.98
CA TYR C 189 -1.95 -17.23 44.19
C TYR C 189 -1.86 -18.53 43.41
N SER C 190 -2.49 -19.57 43.92
CA SER C 190 -2.52 -20.85 43.23
C SER C 190 -3.92 -20.99 42.65
N ILE C 191 -4.10 -21.92 41.71
CA ILE C 191 -5.41 -22.13 41.11
C ILE C 191 -6.41 -22.51 42.21
N GLU C 192 -5.97 -23.32 43.16
CA GLU C 192 -6.83 -23.75 44.26
C GLU C 192 -7.39 -22.55 45.01
N ASP C 193 -6.64 -21.46 45.05
CA ASP C 193 -7.06 -20.24 45.75
C ASP C 193 -8.30 -19.60 45.12
N PHE C 194 -8.51 -19.87 43.84
CA PHE C 194 -9.63 -19.29 43.10
C PHE C 194 -10.83 -20.24 42.97
N GLU C 195 -10.59 -21.52 43.27
CA GLU C 195 -11.62 -22.54 43.14
C GLU C 195 -12.69 -22.59 44.23
N ALA C 196 -13.95 -22.63 43.80
CA ALA C 196 -15.07 -22.70 44.72
C ALA C 196 -14.96 -24.00 45.51
N GLU C 197 -15.36 -23.98 46.79
CA GLU C 197 -15.27 -25.17 47.60
C GLU C 197 -16.41 -26.14 47.32
N LEU C 198 -16.18 -27.41 47.66
CA LEU C 198 -17.16 -28.48 47.45
C LEU C 198 -18.48 -28.13 48.15
N GLU C 199 -19.54 -28.00 47.36
CA GLU C 199 -20.86 -27.67 47.89
C GLU C 199 -21.19 -28.45 49.16
N GLU D 6 -36.86 3.72 19.68
CA GLU D 6 -36.32 4.43 20.89
C GLU D 6 -34.80 4.50 20.85
N TYR D 7 -34.19 3.62 20.05
CA TYR D 7 -32.72 3.60 19.94
C TYR D 7 -32.19 4.81 19.19
N GLU D 8 -31.09 5.36 19.70
CA GLU D 8 -30.47 6.54 19.09
C GLU D 8 -29.30 6.10 18.22
N TYR D 9 -29.36 6.41 16.92
CA TYR D 9 -28.31 6.07 15.98
C TYR D 9 -27.29 7.20 15.83
N LEU D 10 -26.09 6.86 15.38
CA LEU D 10 -25.03 7.86 15.19
C LEU D 10 -25.43 8.85 14.11
N VAL D 11 -26.23 8.36 13.16
CA VAL D 11 -26.73 9.17 12.06
C VAL D 11 -28.13 8.64 11.79
N PRO D 12 -28.97 9.42 11.08
CA PRO D 12 -30.31 8.90 10.82
C PRO D 12 -30.19 7.57 10.06
N PRO D 13 -30.95 6.55 10.48
CA PRO D 13 -30.95 5.22 9.86
C PRO D 13 -30.96 5.22 8.34
N ASP D 14 -31.75 6.12 7.75
CA ASP D 14 -31.84 6.23 6.30
C ASP D 14 -30.46 6.49 5.69
N ASP D 15 -29.59 7.15 6.44
CA ASP D 15 -28.25 7.45 5.95
C ASP D 15 -27.41 6.17 5.90
N TYR D 16 -27.61 5.28 6.87
CA TYR D 16 -26.90 4.01 6.90
C TYR D 16 -27.36 3.21 5.69
N LEU D 17 -28.68 3.13 5.51
CA LEU D 17 -29.26 2.39 4.40
C LEU D 17 -28.83 2.96 3.05
N ALA D 18 -28.80 4.29 2.96
CA ALA D 18 -28.38 4.94 1.72
C ALA D 18 -26.94 4.58 1.39
N ALA D 19 -26.15 4.32 2.42
CA ALA D 19 -24.74 3.95 2.27
C ALA D 19 -24.57 2.47 1.94
N GLY D 20 -25.62 1.68 2.20
CA GLY D 20 -25.58 0.25 1.91
C GLY D 20 -24.83 -0.62 2.91
N VAL D 21 -24.67 -0.15 4.15
CA VAL D 21 -23.96 -0.93 5.16
C VAL D 21 -24.66 -2.23 5.55
N HIS D 22 -25.96 -2.30 5.27
CA HIS D 22 -26.78 -3.48 5.59
C HIS D 22 -26.72 -4.57 4.52
N ILE D 23 -26.15 -4.23 3.37
CA ILE D 23 -26.06 -5.15 2.24
C ILE D 23 -25.00 -6.24 2.39
N GLY D 24 -25.46 -7.45 2.71
CA GLY D 24 -24.55 -8.57 2.88
C GLY D 24 -24.17 -9.12 1.52
N THR D 25 -24.02 -10.43 1.44
CA THR D 25 -23.67 -11.09 0.18
C THR D 25 -24.65 -12.25 -0.01
N GLN D 26 -24.29 -13.19 -0.88
CA GLN D 26 -25.14 -14.35 -1.14
C GLN D 26 -24.86 -15.44 -0.12
N ILE D 27 -23.81 -15.26 0.67
CA ILE D 27 -23.41 -16.24 1.67
C ILE D 27 -23.51 -15.76 3.11
N LYS D 28 -23.82 -16.70 4.00
CA LYS D 28 -23.94 -16.44 5.43
C LYS D 28 -23.09 -17.47 6.18
N THR D 29 -22.45 -17.03 7.26
CA THR D 29 -21.63 -17.93 8.05
C THR D 29 -22.29 -18.09 9.41
N GLY D 30 -21.94 -19.17 10.12
CA GLY D 30 -22.52 -19.40 11.43
C GLY D 30 -22.14 -18.24 12.34
N ASP D 31 -20.92 -17.75 12.15
CA ASP D 31 -20.36 -16.64 12.93
C ASP D 31 -21.18 -15.36 12.82
N MET D 32 -21.65 -15.07 11.61
CA MET D 32 -22.42 -13.84 11.37
C MET D 32 -23.94 -13.95 11.50
N LYS D 33 -24.45 -15.15 11.74
CA LYS D 33 -25.89 -15.35 11.88
C LYS D 33 -26.55 -14.37 12.85
N LYS D 34 -25.94 -14.17 14.01
CA LYS D 34 -26.50 -13.28 15.02
C LYS D 34 -26.65 -11.82 14.62
N PHE D 35 -26.00 -11.42 13.52
CA PHE D 35 -26.09 -10.03 13.06
C PHE D 35 -26.98 -9.86 11.84
N ILE D 36 -27.50 -10.96 11.31
CA ILE D 36 -28.37 -10.88 10.14
C ILE D 36 -29.81 -10.60 10.54
N PHE D 37 -30.32 -9.47 10.05
CA PHE D 37 -31.68 -9.04 10.34
C PHE D 37 -32.69 -9.92 9.60
N LYS D 38 -32.41 -10.21 8.33
CA LYS D 38 -33.30 -11.04 7.54
C LYS D 38 -32.65 -11.50 6.25
N VAL D 39 -33.36 -12.37 5.53
CA VAL D 39 -32.88 -12.88 4.25
C VAL D 39 -33.85 -12.32 3.22
N ARG D 40 -33.33 -11.54 2.28
CA ARG D 40 -34.15 -10.93 1.25
C ARG D 40 -34.68 -11.96 0.26
N GLN D 41 -35.69 -11.56 -0.52
CA GLN D 41 -36.31 -12.43 -1.51
C GLN D 41 -35.31 -13.01 -2.51
N ASP D 42 -34.36 -12.19 -2.95
CA ASP D 42 -33.37 -12.62 -3.92
C ASP D 42 -32.20 -13.36 -3.29
N GLY D 43 -32.30 -13.64 -1.99
CA GLY D 43 -31.23 -14.35 -1.32
C GLY D 43 -30.17 -13.47 -0.65
N LEU D 44 -30.37 -12.16 -0.69
CA LEU D 44 -29.42 -11.24 -0.07
C LEU D 44 -29.60 -11.21 1.44
N TYR D 45 -28.54 -11.52 2.17
CA TYR D 45 -28.59 -11.49 3.62
C TYR D 45 -28.45 -10.03 4.04
N VAL D 46 -29.36 -9.57 4.89
CA VAL D 46 -29.38 -8.19 5.36
C VAL D 46 -28.83 -8.07 6.78
N LEU D 47 -27.82 -7.24 6.95
CA LEU D 47 -27.21 -7.04 8.26
C LEU D 47 -28.05 -6.04 9.06
N ASP D 48 -28.00 -6.18 10.38
CA ASP D 48 -28.77 -5.33 11.29
C ASP D 48 -28.04 -4.03 11.62
N ILE D 49 -28.60 -2.91 11.15
CA ILE D 49 -28.02 -1.58 11.36
C ILE D 49 -27.88 -1.22 12.83
N ARG D 50 -28.80 -1.76 13.64
CA ARG D 50 -28.81 -1.54 15.07
C ARG D 50 -27.52 -2.12 15.66
N LYS D 51 -27.24 -3.37 15.31
CA LYS D 51 -26.04 -4.03 15.80
C LYS D 51 -24.78 -3.32 15.32
N LEU D 52 -24.79 -2.86 14.07
CA LEU D 52 -23.64 -2.14 13.52
C LEU D 52 -23.37 -0.86 14.30
N ASP D 53 -24.40 -0.06 14.49
CA ASP D 53 -24.31 1.21 15.21
C ASP D 53 -23.72 0.96 16.60
N GLU D 54 -24.23 -0.06 17.29
CA GLU D 54 -23.75 -0.40 18.62
C GLU D 54 -22.27 -0.76 18.60
N ARG D 55 -21.87 -1.58 17.64
CA ARG D 55 -20.49 -2.03 17.53
C ARG D 55 -19.53 -0.91 17.13
N ILE D 56 -20.01 0.05 16.33
CA ILE D 56 -19.16 1.17 15.93
C ILE D 56 -18.89 2.02 17.17
N ARG D 57 -19.92 2.22 17.98
CA ARG D 57 -19.77 3.00 19.20
C ARG D 57 -18.75 2.33 20.12
N VAL D 58 -18.90 1.02 20.31
CA VAL D 58 -18.01 0.24 21.16
C VAL D 58 -16.57 0.21 20.63
N ALA D 59 -16.43 0.05 19.32
CA ALA D 59 -15.10 0.01 18.69
C ALA D 59 -14.40 1.34 18.85
N ALA D 60 -15.13 2.44 18.70
CA ALA D 60 -14.56 3.77 18.85
C ALA D 60 -13.99 3.94 20.25
N LYS D 61 -14.75 3.51 21.25
CA LYS D 61 -14.32 3.62 22.64
C LYS D 61 -13.05 2.83 22.89
N PHE D 62 -13.07 1.56 22.48
CA PHE D 62 -11.91 0.70 22.67
C PHE D 62 -10.65 1.25 22.02
N LEU D 63 -10.77 1.66 20.76
CA LEU D 63 -9.63 2.21 20.04
C LEU D 63 -9.11 3.52 20.64
N SER D 64 -10.02 4.33 21.17
CA SER D 64 -9.62 5.62 21.74
C SER D 64 -8.75 5.44 22.98
N ARG D 65 -8.63 4.21 23.46
CA ARG D 65 -7.82 3.91 24.63
C ARG D 65 -6.40 3.50 24.26
N TYR D 66 -5.99 3.83 23.04
CA TYR D 66 -4.66 3.50 22.57
C TYR D 66 -3.92 4.72 22.08
N GLU D 67 -2.60 4.72 22.28
CA GLU D 67 -1.80 5.81 21.75
C GLU D 67 -2.05 5.60 20.27
N PRO D 68 -2.46 6.64 19.54
CA PRO D 68 -2.73 6.55 18.10
C PRO D 68 -1.70 5.79 17.28
N SER D 69 -0.42 6.08 17.49
CA SER D 69 0.65 5.45 16.74
C SER D 69 0.75 3.94 16.98
N LYS D 70 0.06 3.46 18.01
CA LYS D 70 0.08 2.04 18.33
C LYS D 70 -1.09 1.29 17.70
N ILE D 71 -1.90 1.99 16.92
CA ILE D 71 -3.01 1.38 16.23
C ILE D 71 -2.56 1.19 14.78
N LEU D 72 -2.78 0.00 14.24
CA LEU D 72 -2.40 -0.28 12.85
C LEU D 72 -3.61 -0.74 12.04
N LEU D 73 -3.99 0.03 11.01
CA LEU D 73 -5.10 -0.37 10.16
C LEU D 73 -4.52 -1.11 8.96
N VAL D 74 -5.23 -2.12 8.48
CA VAL D 74 -4.79 -2.92 7.35
C VAL D 74 -5.94 -3.10 6.37
N ALA D 75 -5.66 -2.92 5.08
CA ALA D 75 -6.70 -3.10 4.07
C ALA D 75 -6.11 -3.29 2.69
N ALA D 76 -6.31 -4.48 2.13
CA ALA D 76 -5.82 -4.76 0.78
C ALA D 76 -6.91 -4.33 -0.21
N ARG D 77 -8.17 -4.48 0.18
CA ARG D 77 -9.30 -4.10 -0.68
C ARG D 77 -9.19 -2.65 -1.15
N GLN D 78 -9.13 -2.47 -2.46
CA GLN D 78 -8.98 -1.15 -3.08
C GLN D 78 -9.92 -0.04 -2.58
N TYR D 79 -11.22 -0.32 -2.48
CA TYR D 79 -12.16 0.70 -2.03
C TYR D 79 -12.01 1.10 -0.57
N ALA D 80 -11.14 0.41 0.16
CA ALA D 80 -10.92 0.73 1.57
C ALA D 80 -9.68 1.59 1.81
N HIS D 81 -8.84 1.76 0.79
CA HIS D 81 -7.62 2.54 0.96
C HIS D 81 -7.89 3.98 1.40
N LYS D 82 -8.70 4.70 0.64
CA LYS D 82 -9.03 6.08 0.98
C LYS D 82 -9.62 6.21 2.38
N PRO D 83 -10.64 5.39 2.72
CA PRO D 83 -11.24 5.46 4.06
C PRO D 83 -10.21 5.22 5.18
N VAL D 84 -9.35 4.22 4.97
CA VAL D 84 -8.30 3.89 5.95
C VAL D 84 -7.30 5.03 6.11
N GLN D 85 -6.87 5.60 4.99
CA GLN D 85 -5.91 6.70 5.02
C GLN D 85 -6.51 7.96 5.64
N MET D 86 -7.78 8.23 5.36
CA MET D 86 -8.45 9.40 5.94
C MET D 86 -8.67 9.18 7.43
N PHE D 87 -9.00 7.94 7.80
CA PHE D 87 -9.19 7.61 9.22
C PHE D 87 -7.87 7.83 9.95
N SER D 88 -6.78 7.39 9.33
CA SER D 88 -5.46 7.54 9.93
C SER D 88 -5.03 9.01 10.02
N LYS D 89 -5.45 9.79 9.04
CA LYS D 89 -5.14 11.22 9.00
C LYS D 89 -5.76 11.88 10.25
N VAL D 90 -7.01 11.54 10.52
CA VAL D 90 -7.73 12.10 11.67
C VAL D 90 -7.30 11.52 13.01
N VAL D 91 -7.24 10.18 13.09
CA VAL D 91 -6.90 9.50 14.33
C VAL D 91 -5.42 9.47 14.69
N GLY D 92 -4.56 9.40 13.68
CA GLY D 92 -3.12 9.34 13.92
C GLY D 92 -2.60 7.91 13.94
N SER D 93 -3.42 6.98 13.46
CA SER D 93 -3.04 5.58 13.41
C SER D 93 -2.08 5.28 12.26
N ASP D 94 -1.38 4.15 12.36
CA ASP D 94 -0.46 3.72 11.33
C ASP D 94 -1.35 2.90 10.39
N TYR D 95 -0.88 2.62 9.18
CA TYR D 95 -1.68 1.82 8.26
C TYR D 95 -0.82 1.17 7.19
N ILE D 96 -1.38 0.13 6.59
CA ILE D 96 -0.73 -0.60 5.50
C ILE D 96 -1.85 -0.95 4.55
N VAL D 97 -1.83 -0.32 3.37
CA VAL D 97 -2.84 -0.61 2.35
C VAL D 97 -2.12 -1.33 1.22
N GLY D 98 -2.87 -2.05 0.38
CA GLY D 98 -2.23 -2.79 -0.67
C GLY D 98 -1.75 -4.10 -0.07
N ARG D 99 -0.82 -4.78 -0.72
CA ARG D 99 -0.31 -6.05 -0.22
C ARG D 99 0.45 -5.99 1.10
N PHE D 100 -0.02 -6.78 2.07
CA PHE D 100 0.61 -6.86 3.39
C PHE D 100 1.73 -7.89 3.26
N ILE D 101 2.96 -7.48 3.57
CA ILE D 101 4.10 -8.38 3.47
C ILE D 101 4.21 -9.37 4.62
N PRO D 102 4.19 -10.68 4.31
CA PRO D 102 4.31 -11.69 5.36
C PRO D 102 5.54 -11.40 6.21
N GLY D 103 5.36 -11.37 7.53
CA GLY D 103 6.47 -11.08 8.43
C GLY D 103 6.43 -9.67 8.99
N THR D 104 5.53 -8.84 8.48
CA THR D 104 5.41 -7.47 8.94
C THR D 104 5.20 -7.36 10.45
N LEU D 105 4.53 -8.35 11.03
CA LEU D 105 4.29 -8.34 12.48
C LEU D 105 5.06 -9.41 13.24
N THR D 106 5.75 -10.27 12.51
CA THR D 106 6.49 -11.37 13.14
C THR D 106 8.01 -11.41 12.92
N ASN D 107 8.50 -10.75 11.88
CA ASN D 107 9.94 -10.76 11.61
C ASN D 107 10.57 -9.39 11.84
N PRO D 108 11.28 -9.21 12.97
CA PRO D 108 11.95 -7.97 13.34
C PRO D 108 13.03 -7.51 12.35
N MET D 109 13.42 -8.39 11.43
CA MET D 109 14.44 -8.05 10.46
C MET D 109 13.93 -7.27 9.24
N LEU D 110 12.63 -7.35 8.98
CA LEU D 110 12.06 -6.63 7.84
C LEU D 110 11.90 -5.14 8.11
N SER D 111 12.23 -4.31 7.13
CA SER D 111 12.11 -2.87 7.32
C SER D 111 10.65 -2.46 7.56
N GLU D 112 9.71 -3.30 7.13
CA GLU D 112 8.28 -3.01 7.32
C GLU D 112 7.79 -3.44 8.70
N TYR D 113 8.63 -4.14 9.45
CA TYR D 113 8.26 -4.63 10.76
C TYR D 113 7.76 -3.55 11.71
N ARG D 114 6.67 -3.84 12.42
CA ARG D 114 6.14 -2.90 13.40
C ARG D 114 5.53 -3.64 14.57
N GLU D 115 5.37 -2.92 15.67
CA GLU D 115 4.82 -3.51 16.90
C GLU D 115 3.61 -2.71 17.38
N PRO D 116 2.47 -2.85 16.70
CA PRO D 116 1.27 -2.12 17.13
C PRO D 116 0.68 -2.83 18.34
N GLU D 117 -0.19 -2.15 19.07
CA GLU D 117 -0.83 -2.76 20.23
C GLU D 117 -2.22 -3.26 19.86
N VAL D 118 -2.69 -2.84 18.69
CA VAL D 118 -3.99 -3.28 18.19
C VAL D 118 -4.00 -3.18 16.67
N VAL D 119 -4.64 -4.15 16.03
CA VAL D 119 -4.74 -4.20 14.57
C VAL D 119 -6.20 -4.16 14.14
N PHE D 120 -6.51 -3.30 13.17
CA PHE D 120 -7.86 -3.15 12.67
C PHE D 120 -7.86 -3.42 11.16
N VAL D 121 -8.38 -4.59 10.77
CA VAL D 121 -8.42 -4.94 9.34
C VAL D 121 -9.77 -4.67 8.70
N ASN D 122 -9.76 -4.53 7.38
CA ASN D 122 -10.96 -4.25 6.62
C ASN D 122 -11.78 -5.49 6.31
N ASP D 123 -11.11 -6.65 6.22
CA ASP D 123 -11.79 -7.90 5.88
C ASP D 123 -10.89 -9.08 6.28
N PRO D 124 -11.35 -9.91 7.23
CA PRO D 124 -10.56 -11.07 7.70
C PRO D 124 -10.15 -12.10 6.65
N ALA D 125 -10.90 -12.18 5.56
CA ALA D 125 -10.56 -13.11 4.49
C ALA D 125 -9.47 -12.50 3.61
N ILE D 126 -9.67 -11.25 3.19
CA ILE D 126 -8.70 -10.56 2.33
C ILE D 126 -7.41 -10.24 3.08
N ASP D 127 -7.55 -9.77 4.31
CA ASP D 127 -6.41 -9.41 5.14
C ASP D 127 -6.07 -10.53 6.11
N LYS D 128 -6.18 -11.77 5.66
CA LYS D 128 -5.91 -12.92 6.52
C LYS D 128 -4.48 -13.00 7.06
N GLN D 129 -3.50 -12.59 6.25
CA GLN D 129 -2.11 -12.63 6.70
C GLN D 129 -1.92 -11.76 7.94
N ALA D 130 -2.44 -10.54 7.91
CA ALA D 130 -2.34 -9.63 9.05
C ALA D 130 -3.07 -10.20 10.27
N VAL D 131 -4.28 -10.71 10.06
CA VAL D 131 -5.07 -11.28 11.15
C VAL D 131 -4.34 -12.45 11.81
N SER D 132 -3.75 -13.32 11.00
CA SER D 132 -3.02 -14.49 11.50
C SER D 132 -1.77 -14.10 12.28
N GLU D 133 -0.99 -13.17 11.75
CA GLU D 133 0.24 -12.74 12.43
C GLU D 133 -0.08 -12.01 13.73
N ALA D 134 -1.05 -11.09 13.70
CA ALA D 134 -1.42 -10.35 14.90
C ALA D 134 -1.82 -11.35 15.99
N THR D 135 -2.64 -12.34 15.61
CA THR D 135 -3.09 -13.35 16.54
C THR D 135 -1.96 -14.20 17.08
N ALA D 136 -0.96 -14.47 16.23
CA ALA D 136 0.19 -15.26 16.65
C ALA D 136 1.05 -14.52 17.66
N VAL D 137 1.08 -13.19 17.57
CA VAL D 137 1.90 -12.41 18.50
C VAL D 137 1.08 -11.82 19.67
N GLY D 138 -0.18 -12.21 19.75
CA GLY D 138 -1.03 -11.76 20.84
C GLY D 138 -1.60 -10.35 20.74
N ILE D 139 -1.69 -9.82 19.52
CA ILE D 139 -2.22 -8.48 19.31
C ILE D 139 -3.72 -8.57 19.00
N PRO D 140 -4.55 -7.84 19.76
CA PRO D 140 -6.01 -7.83 19.58
C PRO D 140 -6.39 -7.41 18.16
N VAL D 141 -7.34 -8.11 17.56
CA VAL D 141 -7.77 -7.79 16.20
C VAL D 141 -9.20 -7.30 16.09
N VAL D 142 -9.37 -6.12 15.50
CA VAL D 142 -10.69 -5.54 15.27
C VAL D 142 -10.89 -5.73 13.77
N ALA D 143 -12.12 -6.02 13.34
CA ALA D 143 -12.35 -6.20 11.92
C ALA D 143 -13.77 -5.93 11.45
N LEU D 144 -13.88 -5.44 10.22
CA LEU D 144 -15.20 -5.22 9.63
C LEU D 144 -15.53 -6.61 9.10
N CYS D 145 -16.72 -7.11 9.41
CA CYS D 145 -17.11 -8.44 8.96
C CYS D 145 -18.44 -8.41 8.23
N ASP D 146 -18.45 -8.93 6.99
CA ASP D 146 -19.66 -8.99 6.17
C ASP D 146 -20.32 -10.35 6.42
N SER D 147 -21.50 -10.58 5.83
CA SER D 147 -22.20 -11.85 6.05
C SER D 147 -21.38 -13.08 5.68
N ASN D 148 -20.50 -12.95 4.69
CA ASN D 148 -19.67 -14.06 4.23
C ASN D 148 -18.41 -14.32 5.06
N ASN D 149 -18.10 -13.44 5.99
CA ASN D 149 -16.90 -13.58 6.80
C ASN D 149 -17.05 -14.46 8.03
N SER D 150 -15.97 -15.11 8.42
CA SER D 150 -15.95 -15.97 9.59
C SER D 150 -14.52 -16.20 10.01
N SER D 151 -14.15 -15.73 11.19
CA SER D 151 -12.79 -15.91 11.67
C SER D 151 -12.68 -16.02 13.18
N ALA D 152 -12.03 -17.07 13.63
CA ALA D 152 -11.83 -17.29 15.07
C ALA D 152 -10.72 -16.37 15.57
N ASP D 153 -10.06 -15.69 14.63
CA ASP D 153 -8.96 -14.79 14.98
C ASP D 153 -9.36 -13.33 15.15
N VAL D 154 -10.63 -13.01 14.89
CA VAL D 154 -11.13 -11.65 15.04
C VAL D 154 -11.66 -11.50 16.47
N ASP D 155 -11.09 -10.56 17.21
CA ASP D 155 -11.48 -10.35 18.60
C ASP D 155 -12.64 -9.39 18.80
N LEU D 156 -12.67 -8.32 17.99
CA LEU D 156 -13.76 -7.36 18.08
C LEU D 156 -14.33 -7.24 16.68
N VAL D 157 -15.62 -7.53 16.55
CA VAL D 157 -16.29 -7.48 15.26
C VAL D 157 -17.19 -6.27 15.03
N ILE D 158 -17.14 -5.74 13.82
CA ILE D 158 -17.99 -4.62 13.40
C ILE D 158 -18.72 -5.21 12.19
N PRO D 159 -19.98 -5.64 12.39
CA PRO D 159 -20.80 -6.24 11.32
C PRO D 159 -21.32 -5.25 10.31
N THR D 160 -20.76 -5.28 9.11
CA THR D 160 -21.16 -4.34 8.07
C THR D 160 -20.74 -4.80 6.68
N ASN D 161 -21.33 -4.19 5.67
CA ASN D 161 -20.97 -4.48 4.29
C ASN D 161 -19.56 -3.89 4.21
N ASN D 162 -18.55 -4.73 3.97
CA ASN D 162 -17.18 -4.23 3.89
C ASN D 162 -16.62 -4.23 2.47
N LYS D 163 -17.53 -4.19 1.50
CA LYS D 163 -17.14 -4.19 0.08
C LYS D 163 -17.59 -2.93 -0.66
N GLY D 164 -18.73 -2.37 -0.26
CA GLY D 164 -19.24 -1.18 -0.92
C GLY D 164 -18.45 0.08 -0.65
N ARG D 165 -18.26 0.88 -1.69
CA ARG D 165 -17.49 2.12 -1.59
C ARG D 165 -18.11 3.04 -0.53
N ARG D 166 -19.41 3.29 -0.66
CA ARG D 166 -20.12 4.16 0.26
C ARG D 166 -20.18 3.57 1.67
N ALA D 167 -20.39 2.26 1.76
CA ALA D 167 -20.48 1.59 3.05
C ALA D 167 -19.17 1.74 3.81
N LEU D 168 -18.05 1.54 3.13
CA LEU D 168 -16.74 1.66 3.78
C LEU D 168 -16.48 3.10 4.21
N ALA D 169 -16.85 4.04 3.35
CA ALA D 169 -16.65 5.45 3.65
C ALA D 169 -17.37 5.87 4.92
N ILE D 170 -18.66 5.58 5.04
CA ILE D 170 -19.39 5.98 6.23
C ILE D 170 -18.95 5.28 7.52
N VAL D 171 -18.52 4.03 7.43
CA VAL D 171 -18.10 3.32 8.63
C VAL D 171 -16.76 3.85 9.19
N TYR D 172 -15.77 4.04 8.33
CA TYR D 172 -14.49 4.57 8.79
C TYR D 172 -14.68 6.03 9.22
N TRP D 173 -15.57 6.73 8.52
CA TRP D 173 -15.89 8.12 8.81
C TRP D 173 -16.51 8.24 10.20
N LEU D 174 -17.48 7.37 10.50
CA LEU D 174 -18.14 7.36 11.81
C LEU D 174 -17.16 7.01 12.92
N LEU D 175 -16.29 6.04 12.66
CA LEU D 175 -15.31 5.62 13.66
C LEU D 175 -14.36 6.78 13.97
N ALA D 176 -13.90 7.46 12.93
CA ALA D 176 -12.98 8.59 13.10
C ALA D 176 -13.68 9.77 13.79
N ARG D 177 -14.93 10.00 13.42
CA ARG D 177 -15.69 11.10 14.02
C ARG D 177 -15.89 10.87 15.52
N GLU D 178 -16.26 9.65 15.88
CA GLU D 178 -16.47 9.32 17.28
C GLU D 178 -15.20 9.33 18.10
N ILE D 179 -14.10 8.86 17.51
CA ILE D 179 -12.82 8.87 18.21
C ILE D 179 -12.39 10.31 18.44
N ALA D 180 -12.56 11.14 17.42
CA ALA D 180 -12.19 12.55 17.52
C ALA D 180 -13.04 13.18 18.61
N LYS D 181 -14.30 12.77 18.66
CA LYS D 181 -15.26 13.26 19.65
C LYS D 181 -14.83 12.85 21.06
N ILE D 182 -14.42 11.60 21.22
CA ILE D 182 -13.97 11.09 22.51
C ILE D 182 -12.75 11.85 23.02
N ARG D 183 -11.98 12.40 22.09
CA ARG D 183 -10.79 13.16 22.45
C ARG D 183 -11.15 14.59 22.78
N GLY D 184 -12.18 15.11 22.12
CA GLY D 184 -12.60 16.47 22.33
C GLY D 184 -12.02 17.30 21.21
N GLN D 185 -11.72 16.62 20.10
CA GLN D 185 -11.14 17.23 18.92
C GLN D 185 -12.21 17.81 18.00
N ASP D 186 -11.79 18.41 16.89
CA ASP D 186 -12.70 19.00 15.91
C ASP D 186 -12.75 18.13 14.65
N PHE D 187 -13.95 17.65 14.32
CA PHE D 187 -14.13 16.82 13.14
C PHE D 187 -15.10 17.50 12.19
N THR D 188 -14.60 17.91 11.03
CA THR D 188 -15.42 18.60 10.04
C THR D 188 -15.53 17.91 8.68
N TYR D 189 -15.01 16.69 8.57
CA TYR D 189 -15.06 15.97 7.31
C TYR D 189 -16.45 15.43 6.99
N SER D 190 -16.71 15.27 5.69
CA SER D 190 -17.97 14.72 5.21
C SER D 190 -17.70 13.27 4.82
N ILE D 191 -18.77 12.49 4.64
CA ILE D 191 -18.60 11.10 4.24
C ILE D 191 -17.90 11.06 2.88
N GLU D 192 -18.23 12.04 2.03
CA GLU D 192 -17.62 12.12 0.71
C GLU D 192 -16.09 12.21 0.80
N ASP D 193 -15.59 12.91 1.82
CA ASP D 193 -14.15 13.07 1.99
C ASP D 193 -13.42 11.74 2.28
N PHE D 194 -14.18 10.73 2.72
CA PHE D 194 -13.61 9.42 3.03
C PHE D 194 -13.81 8.41 1.90
N GLU D 195 -14.73 8.71 1.00
CA GLU D 195 -15.09 7.81 -0.10
C GLU D 195 -14.06 7.70 -1.22
N ALA D 196 -13.73 6.45 -1.56
CA ALA D 196 -12.76 6.17 -2.63
C ALA D 196 -13.23 6.70 -3.97
N GLU D 197 -12.27 7.06 -4.83
CA GLU D 197 -12.58 7.57 -6.15
C GLU D 197 -12.80 6.41 -7.12
N LEU D 198 -13.33 6.71 -8.30
CA LEU D 198 -13.59 5.69 -9.32
C LEU D 198 -12.87 6.01 -10.62
NA NA E . 8.50 13.47 -15.73
NA NA F . -1.28 -5.77 -21.97
NA NA G . 22.76 -14.82 -9.13
NA NA H . 18.91 3.52 -27.15
NA NA I . 11.85 22.63 -36.50
NA NA J . -18.99 -26.99 29.59
NA NA K . -22.47 -5.54 24.18
NA NA L . 3.99 -14.55 40.37
NA NA M . -6.87 -12.42 17.11
NA NA N . -21.77 -6.91 1.38
#